data_4AE1
#
_entry.id   4AE1
#
_cell.length_a   65.650
_cell.length_b   69.260
_cell.length_c   69.680
_cell.angle_alpha   98.36
_cell.angle_beta   99.57
_cell.angle_gamma   97.76
#
_symmetry.space_group_name_H-M   'P 1'
#
loop_
_entity.id
_entity.type
_entity.pdbx_description
1 polymer 'DIPHTHERIA TOXIN'
2 non-polymer NICOTINAMIDE
3 water water
#
_entity_poly.entity_id   1
_entity_poly.type   'polypeptide(L)'
_entity_poly.pdbx_seq_one_letter_code
;GADDVVDSSKSFVMENFSSYHGTKPGYVDSIQKGIQKPKSGTQGNYDDDWKEFYSTDNKYDAAGYSVDNENPLSGKAGGV
VKVTYPGLTKVLALKVDNAETIKKELGLSLTEPLMEQVGTEEFIKRFGDGASRVVLSLPFAEGSSSVEYINNWEQAKALS
VELEINFETRGKRGQDAMYEYMAQACAGNRVRRSVGSSLSCINLDWDVIRDKTKTKIESLKEHGPIKNKMSESPNKTVSE
EKAKQYLEEFHQTALEHPELSELKTVTGTNPVFAGANYAAWAVNVAQVIDSETADNLEKTTAALSILPGIGSVMGIADGA
VHHNTEEIVAQSIALSSLMVAQAIPLVGELVDIGFAAYNFVESIINLFQVVHNSYNRPAYSPGHKTQPFLHDGYAVSWNT
VEDSIIRTGFQGESGHDIKITAENTPLPIAGVLLPTIPGKLDVNKSKTHISVNGRKIRMRCRAIDGDVTFCRPKSPVYVG
NGVHANLHVAFHRSSSEKIHSNEISSDSIGVLGYQKTVDHTKVNSKLSLFFEIKS
;
_entity_poly.pdbx_strand_id   A,B
#
loop_
_chem_comp.id
_chem_comp.type
_chem_comp.name
_chem_comp.formula
NCA non-polymer NICOTINAMIDE 'C6 H6 N2 O'
#
# COMPACT_ATOMS: atom_id res chain seq x y z
N GLY A 1 8.41 4.21 -34.69
CA GLY A 1 8.78 5.51 -35.23
C GLY A 1 8.10 6.63 -34.47
N ALA A 2 7.59 7.62 -35.19
CA ALA A 2 6.90 8.75 -34.57
C ALA A 2 5.69 8.30 -33.75
N ASP A 3 4.98 7.29 -34.24
CA ASP A 3 3.80 6.76 -33.57
C ASP A 3 4.13 6.25 -32.17
N ASP A 4 5.42 5.97 -31.92
CA ASP A 4 5.84 5.40 -30.64
C ASP A 4 6.16 6.48 -29.59
N VAL A 5 6.00 7.74 -29.95
CA VAL A 5 6.24 8.81 -28.99
C VAL A 5 5.15 9.90 -29.05
N VAL A 6 4.50 10.02 -30.20
CA VAL A 6 3.42 10.99 -30.35
C VAL A 6 2.08 10.31 -30.16
N ASP A 7 1.20 10.95 -29.40
CA ASP A 7 -0.16 10.46 -29.25
C ASP A 7 -1.04 11.12 -30.30
N SER A 8 -1.13 10.50 -31.48
CA SER A 8 -1.91 11.06 -32.59
C SER A 8 -3.31 11.51 -32.19
N SER A 9 -3.98 10.71 -31.36
CA SER A 9 -5.38 10.95 -31.03
C SER A 9 -5.62 12.18 -30.16
N LYS A 10 -4.63 12.55 -29.35
CA LYS A 10 -4.76 13.70 -28.45
C LYS A 10 -4.08 14.95 -29.01
N SER A 11 -3.63 14.87 -30.26
CA SER A 11 -3.04 16.01 -30.93
C SER A 11 -4.05 16.72 -31.82
N PHE A 12 -3.93 18.04 -31.93
CA PHE A 12 -4.83 18.84 -32.78
C PHE A 12 -4.17 20.10 -33.37
N VAL A 13 -4.83 20.68 -34.37
CA VAL A 13 -4.49 22.01 -34.83
C VAL A 13 -5.60 22.93 -34.41
N MET A 14 -5.25 24.03 -33.74
CA MET A 14 -6.24 24.95 -33.21
C MET A 14 -5.92 26.40 -33.57
N GLU A 15 -6.97 27.17 -33.80
CA GLU A 15 -6.79 28.57 -34.10
C GLU A 15 -6.92 29.37 -32.80
N ASN A 16 -6.08 30.38 -32.64
CA ASN A 16 -6.10 31.23 -31.45
C ASN A 16 -5.97 30.39 -30.18
N PHE A 17 -5.09 29.41 -30.26
CA PHE A 17 -4.78 28.53 -29.14
C PHE A 17 -4.24 29.30 -27.95
N SER A 18 -4.92 29.17 -26.80
CA SER A 18 -4.58 29.86 -25.56
C SER A 18 -4.13 28.90 -24.46
N SER A 19 -3.30 29.41 -23.55
CA SER A 19 -2.94 28.68 -22.33
C SER A 19 -2.58 29.67 -21.23
N TYR A 20 -2.26 29.16 -20.04
CA TYR A 20 -2.00 30.03 -18.89
C TYR A 20 -0.57 29.89 -18.38
N HIS A 21 -0.02 30.98 -17.86
CA HIS A 21 1.34 30.97 -17.30
C HIS A 21 1.40 31.69 -15.95
N GLY A 22 1.83 30.98 -14.92
CA GLY A 22 1.98 31.58 -13.60
C GLY A 22 3.26 32.39 -13.50
N THR A 23 3.13 33.63 -13.03
CA THR A 23 4.25 34.59 -13.01
C THR A 23 4.60 35.05 -11.59
N LYS A 24 5.90 35.19 -11.30
CA LYS A 24 6.34 35.60 -9.97
C LYS A 24 6.08 37.09 -9.74
N PRO A 25 6.01 37.51 -8.47
CA PRO A 25 5.88 38.91 -8.09
C PRO A 25 6.97 39.75 -8.72
N GLY A 26 6.62 40.91 -9.27
CA GLY A 26 7.59 41.78 -9.92
C GLY A 26 7.65 41.57 -11.42
N TYR A 27 7.03 40.51 -11.90
CA TYR A 27 7.02 40.21 -13.33
C TYR A 27 5.63 40.26 -13.95
N VAL A 28 4.61 40.56 -13.15
CA VAL A 28 3.25 40.48 -13.66
C VAL A 28 2.98 41.58 -14.68
N ASP A 29 3.66 42.72 -14.52
CA ASP A 29 3.51 43.82 -15.46
C ASP A 29 4.47 43.66 -16.64
N SER A 30 5.69 43.19 -16.34
CA SER A 30 6.71 43.09 -17.38
C SER A 30 6.39 41.96 -18.39
N ILE A 31 5.77 40.88 -17.92
CA ILE A 31 5.48 39.76 -18.81
C ILE A 31 4.42 40.11 -19.84
N GLN A 32 3.58 41.10 -19.52
CA GLN A 32 2.48 41.45 -20.40
C GLN A 32 2.96 42.18 -21.65
N LYS A 33 4.23 42.57 -21.66
CA LYS A 33 4.81 43.28 -22.78
C LYS A 33 5.49 42.29 -23.71
N GLY A 34 5.26 41.01 -23.47
CA GLY A 34 5.78 39.98 -24.35
C GLY A 34 6.62 38.95 -23.65
N ILE A 35 6.67 37.75 -24.22
CA ILE A 35 7.41 36.63 -23.64
C ILE A 35 8.83 36.57 -24.20
N GLN A 36 9.82 36.69 -23.32
CA GLN A 36 11.22 36.60 -23.74
C GLN A 36 12.03 35.81 -22.73
N LYS A 37 13.07 35.14 -23.21
CA LYS A 37 13.93 34.33 -22.35
C LYS A 37 14.91 35.18 -21.54
N LYS A 51 15.45 27.30 -21.05
CA LYS A 51 15.55 26.37 -22.18
C LYS A 51 14.19 26.14 -22.83
N GLU A 52 13.13 26.32 -22.05
CA GLU A 52 11.78 26.15 -22.55
C GLU A 52 10.84 27.13 -21.84
N PHE A 53 9.81 27.58 -22.55
CA PHE A 53 8.74 28.33 -21.92
C PHE A 53 7.54 27.41 -21.61
N TYR A 54 7.05 27.46 -20.37
CA TYR A 54 6.00 26.54 -19.92
C TYR A 54 4.66 27.21 -19.71
N SER A 55 3.61 26.53 -20.17
CA SER A 55 2.25 26.97 -19.90
C SER A 55 1.33 25.77 -19.65
N THR A 56 0.10 26.04 -19.21
CA THR A 56 -0.81 24.95 -18.88
C THR A 56 -2.22 25.31 -19.33
N ASP A 57 -3.03 24.28 -19.57
CA ASP A 57 -4.42 24.50 -19.94
C ASP A 57 -5.28 24.86 -18.73
N ASN A 58 -4.69 24.74 -17.54
CA ASN A 58 -5.44 24.97 -16.30
C ASN A 58 -4.93 26.19 -15.51
N LYS A 59 -5.78 27.20 -15.36
CA LYS A 59 -5.32 28.47 -14.80
C LYS A 59 -5.09 28.39 -13.29
N TYR A 60 -5.78 27.46 -12.62
CA TYR A 60 -5.56 27.27 -11.19
C TYR A 60 -4.21 26.61 -10.93
N ASP A 61 -3.84 25.65 -11.77
CA ASP A 61 -2.51 25.04 -11.66
C ASP A 61 -1.41 26.07 -11.92
N ALA A 62 -1.62 26.96 -12.88
CA ALA A 62 -0.63 28.01 -13.16
C ALA A 62 -0.43 28.88 -11.91
N ALA A 63 -1.51 29.12 -11.19
CA ALA A 63 -1.47 29.91 -9.96
C ALA A 63 -0.41 29.37 -8.98
N GLY A 64 -0.27 28.05 -8.91
CA GLY A 64 0.69 27.44 -8.00
C GLY A 64 2.13 27.80 -8.30
N TYR A 65 2.39 28.33 -9.50
CA TYR A 65 3.76 28.62 -9.91
C TYR A 65 4.18 30.07 -9.66
N SER A 66 3.26 30.86 -9.10
CA SER A 66 3.48 32.29 -8.97
C SER A 66 4.10 32.71 -7.65
N VAL A 67 4.62 31.77 -6.87
CA VAL A 67 5.17 32.11 -5.55
C VAL A 67 6.66 32.43 -5.56
N ASP A 68 7.01 33.50 -4.85
CA ASP A 68 8.38 33.99 -4.74
C ASP A 68 9.41 32.87 -4.54
N ASN A 69 10.27 32.66 -5.53
CA ASN A 69 11.32 31.63 -5.50
C ASN A 69 12.23 31.64 -4.27
N GLU A 70 12.41 32.80 -3.66
CA GLU A 70 13.26 32.91 -2.49
C GLU A 70 12.52 32.41 -1.25
N ASN A 71 11.20 32.49 -1.29
CA ASN A 71 10.39 32.05 -0.17
C ASN A 71 9.27 31.12 -0.62
N PRO A 72 9.65 29.98 -1.22
CA PRO A 72 8.73 29.05 -1.89
C PRO A 72 7.54 28.69 -1.01
N LEU A 73 7.80 28.51 0.29
CA LEU A 73 6.78 27.97 1.19
C LEU A 73 5.68 28.95 1.49
N SER A 74 6.09 30.20 1.79
CA SER A 74 5.18 31.21 2.35
C SER A 74 5.33 32.59 1.70
N GLY A 75 6.09 32.70 0.62
CA GLY A 75 6.30 33.99 -0.01
C GLY A 75 5.06 34.55 -0.67
N LYS A 76 5.22 35.70 -1.31
CA LYS A 76 4.15 36.39 -2.04
C LYS A 76 3.88 35.77 -3.41
N ALA A 77 2.63 35.77 -3.82
CA ALA A 77 2.25 35.23 -5.12
C ALA A 77 2.13 36.34 -6.17
N GLY A 78 2.80 36.14 -7.31
CA GLY A 78 2.77 37.12 -8.38
C GLY A 78 1.40 37.17 -9.02
N GLY A 79 1.19 36.42 -10.11
CA GLY A 79 -0.11 36.38 -10.76
C GLY A 79 -0.23 35.36 -11.88
N VAL A 80 -1.30 35.46 -12.66
CA VAL A 80 -1.50 34.56 -13.80
C VAL A 80 -1.81 35.35 -15.08
N VAL A 81 -1.15 34.98 -16.17
CA VAL A 81 -1.45 35.57 -17.47
C VAL A 81 -1.94 34.51 -18.46
N LYS A 82 -2.80 34.94 -19.38
CA LYS A 82 -3.26 34.11 -20.49
C LYS A 82 -2.48 34.47 -21.74
N VAL A 83 -1.75 33.49 -22.30
CA VAL A 83 -0.99 33.70 -23.52
C VAL A 83 -1.66 33.02 -24.71
N THR A 84 -1.74 33.75 -25.82
CA THR A 84 -2.45 33.30 -27.02
C THR A 84 -1.58 33.42 -28.28
N TYR A 85 -1.45 32.32 -29.02
CA TYR A 85 -0.80 32.36 -30.33
C TYR A 85 -1.80 32.80 -31.39
N PRO A 86 -1.38 33.70 -32.29
CA PRO A 86 -2.22 34.12 -33.43
C PRO A 86 -2.30 33.02 -34.49
N GLY A 87 -3.31 33.03 -35.35
CA GLY A 87 -3.41 32.04 -36.41
C GLY A 87 -3.44 30.60 -35.92
N LEU A 88 -2.75 29.70 -36.62
CA LEU A 88 -2.87 28.27 -36.35
C LEU A 88 -1.70 27.66 -35.57
N THR A 89 -2.01 26.89 -34.54
CA THR A 89 -0.99 26.23 -33.75
C THR A 89 -1.22 24.72 -33.71
N LYS A 90 -0.15 23.95 -33.85
CA LYS A 90 -0.21 22.50 -33.64
C LYS A 90 0.14 22.10 -32.21
N VAL A 91 -0.78 21.43 -31.52
CA VAL A 91 -0.46 20.83 -30.24
C VAL A 91 -0.05 19.36 -30.45
N LEU A 92 1.21 19.07 -30.17
CA LEU A 92 1.74 17.72 -30.38
C LEU A 92 1.86 17.02 -29.04
N ALA A 93 0.95 16.08 -28.79
CA ALA A 93 0.93 15.33 -27.53
C ALA A 93 1.93 14.16 -27.51
N LEU A 94 2.73 14.07 -26.46
CA LEU A 94 3.76 13.05 -26.39
C LEU A 94 3.42 11.95 -25.39
N LYS A 95 3.76 10.72 -25.75
CA LYS A 95 3.52 9.56 -24.90
C LYS A 95 4.62 9.39 -23.85
N VAL A 96 5.82 9.91 -24.16
CA VAL A 96 6.93 9.86 -23.21
C VAL A 96 7.52 11.25 -22.99
N ASP A 97 8.17 11.47 -21.87
CA ASP A 97 8.81 12.77 -21.63
C ASP A 97 10.33 12.69 -21.78
N ASN A 98 10.81 11.64 -22.42
CA ASN A 98 12.26 11.43 -22.55
C ASN A 98 12.87 12.07 -23.80
N ALA A 99 13.71 13.07 -23.60
CA ALA A 99 14.30 13.81 -24.72
C ALA A 99 14.95 12.88 -25.76
N GLU A 100 15.81 11.97 -25.30
CA GLU A 100 16.52 11.08 -26.23
C GLU A 100 15.54 10.22 -27.06
N THR A 101 14.63 9.53 -26.38
CA THR A 101 13.65 8.71 -27.07
C THR A 101 12.94 9.55 -28.12
N ILE A 102 12.60 10.78 -27.76
CA ILE A 102 11.83 11.64 -28.64
C ILE A 102 12.63 12.10 -29.86
N LYS A 103 13.88 12.52 -29.64
CA LYS A 103 14.76 12.91 -30.75
C LYS A 103 15.03 11.74 -31.69
N LYS A 104 15.17 10.55 -31.13
CA LYS A 104 15.42 9.34 -31.93
C LYS A 104 14.23 9.00 -32.81
N GLU A 105 13.16 8.51 -32.20
CA GLU A 105 11.95 8.08 -32.89
C GLU A 105 11.39 9.13 -33.84
N LEU A 106 11.62 10.40 -33.54
CA LEU A 106 11.18 11.48 -34.41
C LEU A 106 12.25 11.87 -35.42
N GLY A 107 13.32 11.07 -35.46
CA GLY A 107 14.37 11.26 -36.45
C GLY A 107 14.89 12.68 -36.44
N LEU A 108 15.20 13.18 -35.25
CA LEU A 108 15.75 14.51 -35.09
C LEU A 108 17.26 14.44 -34.90
N SER A 109 17.88 15.58 -34.68
CA SER A 109 19.30 15.62 -34.34
C SER A 109 19.50 15.20 -32.90
N LEU A 110 20.01 14.00 -32.68
CA LEU A 110 20.20 13.47 -31.34
C LEU A 110 21.19 14.29 -30.51
N THR A 111 21.76 15.33 -31.10
CA THR A 111 22.80 16.13 -30.44
C THR A 111 22.33 17.51 -29.97
N GLU A 112 21.24 18.01 -30.55
CA GLU A 112 20.70 19.32 -30.21
C GLU A 112 19.60 19.20 -29.16
N PRO A 113 19.34 20.27 -28.40
CA PRO A 113 18.20 20.24 -27.48
C PRO A 113 16.89 20.14 -28.23
N LEU A 114 16.00 19.31 -27.73
CA LEU A 114 14.69 19.05 -28.33
C LEU A 114 13.90 20.31 -28.72
N MET A 115 13.68 21.19 -27.75
CA MET A 115 12.86 22.38 -27.95
C MET A 115 13.45 23.38 -28.93
N GLU A 116 14.78 23.42 -29.02
CA GLU A 116 15.43 24.22 -30.05
C GLU A 116 15.02 23.72 -31.44
N GLN A 117 15.05 22.41 -31.62
CA GLN A 117 14.68 21.83 -32.91
C GLN A 117 13.19 22.01 -33.22
N VAL A 118 12.36 21.88 -32.18
CA VAL A 118 10.91 22.00 -32.35
C VAL A 118 10.49 23.32 -32.99
N GLY A 119 11.31 24.35 -32.80
CA GLY A 119 10.98 25.68 -33.29
C GLY A 119 11.52 26.00 -34.68
N THR A 120 12.11 25.03 -35.35
CA THR A 120 12.65 25.24 -36.70
C THR A 120 11.62 24.99 -37.80
N GLU A 121 11.85 25.56 -38.99
CA GLU A 121 10.95 25.39 -40.11
C GLU A 121 10.77 23.93 -40.48
N GLU A 122 11.88 23.20 -40.52
CA GLU A 122 11.86 21.81 -40.91
C GLU A 122 10.86 21.05 -40.04
N PHE A 123 11.11 21.07 -38.73
CA PHE A 123 10.27 20.35 -37.77
C PHE A 123 8.82 20.78 -37.90
N ILE A 124 8.60 22.08 -38.08
CA ILE A 124 7.25 22.63 -38.10
C ILE A 124 6.49 22.18 -39.35
N LYS A 125 7.23 22.02 -40.45
CA LYS A 125 6.64 21.48 -41.68
C LYS A 125 6.28 19.99 -41.53
N ARG A 126 7.19 19.22 -40.93
CA ARG A 126 6.94 17.78 -40.74
C ARG A 126 5.78 17.46 -39.81
N PHE A 127 5.62 18.23 -38.73
CA PHE A 127 4.65 17.89 -37.70
C PHE A 127 3.57 18.96 -37.43
N GLY A 128 3.67 20.10 -38.10
CA GLY A 128 2.74 21.20 -37.88
C GLY A 128 1.41 21.15 -38.62
N ASP A 129 1.31 20.29 -39.63
CA ASP A 129 0.07 20.11 -40.39
C ASP A 129 -0.49 21.42 -40.93
N GLY A 130 0.37 22.30 -41.43
CA GLY A 130 -0.06 23.59 -41.94
C GLY A 130 -0.06 24.70 -40.90
N ALA A 131 0.12 24.34 -39.63
CA ALA A 131 0.16 25.31 -38.54
C ALA A 131 1.42 26.16 -38.66
N SER A 132 1.42 27.32 -37.99
CA SER A 132 2.57 28.23 -38.02
C SER A 132 3.64 27.83 -37.01
N ARG A 133 3.25 27.06 -36.00
CA ARG A 133 4.23 26.50 -35.07
C ARG A 133 3.68 25.28 -34.33
N VAL A 134 4.57 24.57 -33.66
CA VAL A 134 4.19 23.39 -32.90
C VAL A 134 4.48 23.63 -31.42
N VAL A 135 3.52 23.29 -30.58
CA VAL A 135 3.69 23.27 -29.13
C VAL A 135 3.62 21.83 -28.65
N LEU A 136 4.51 21.44 -27.73
CA LEU A 136 4.46 20.07 -27.22
C LEU A 136 3.53 19.92 -26.03
N SER A 137 2.86 18.78 -25.94
CA SER A 137 1.91 18.58 -24.88
C SER A 137 2.25 17.32 -24.08
N LEU A 138 2.18 17.43 -22.76
CA LEU A 138 2.45 16.32 -21.87
C LEU A 138 1.47 16.38 -20.72
N PRO A 139 1.07 15.21 -20.21
CA PRO A 139 0.28 15.21 -18.96
C PRO A 139 0.98 16.09 -17.93
N PHE A 140 0.23 17.00 -17.31
CA PHE A 140 0.79 17.93 -16.34
C PHE A 140 1.40 17.21 -15.13
N ALA A 141 0.74 16.15 -14.65
CA ALA A 141 1.23 15.40 -13.50
C ALA A 141 0.36 14.18 -13.22
N GLU A 142 0.96 13.21 -12.57
CA GLU A 142 0.20 12.05 -12.09
C GLU A 142 -0.91 12.52 -11.14
N GLY A 143 -2.09 11.94 -11.29
CA GLY A 143 -3.24 12.31 -10.49
C GLY A 143 -3.88 13.62 -10.92
N SER A 144 -3.43 14.17 -12.04
CA SER A 144 -4.00 15.42 -12.58
C SER A 144 -4.57 15.19 -13.97
N SER A 145 -5.60 15.93 -14.32
CA SER A 145 -6.12 15.85 -15.68
C SER A 145 -5.69 17.08 -16.49
N SER A 146 -4.87 17.93 -15.89
CA SER A 146 -4.38 19.11 -16.59
C SER A 146 -3.33 18.75 -17.62
N VAL A 147 -3.04 19.70 -18.50
CA VAL A 147 -2.03 19.47 -19.50
C VAL A 147 -0.93 20.49 -19.35
N GLU A 148 0.30 20.07 -19.61
CA GLU A 148 1.43 20.98 -19.62
C GLU A 148 1.85 21.22 -21.07
N TYR A 149 2.01 22.49 -21.44
CA TYR A 149 2.48 22.87 -22.75
C TYR A 149 3.94 23.31 -22.69
N ILE A 150 4.73 22.85 -23.66
CA ILE A 150 6.12 23.25 -23.76
C ILE A 150 6.32 24.06 -25.03
N ASN A 151 6.82 25.28 -24.84
CA ASN A 151 6.87 26.27 -25.90
C ASN A 151 8.30 26.67 -26.28
N ASN A 152 8.56 26.78 -27.58
CA ASN A 152 9.85 27.25 -28.05
C ASN A 152 9.97 28.76 -27.79
N TRP A 153 11.15 29.21 -27.37
CA TRP A 153 11.36 30.63 -27.07
C TRP A 153 11.15 31.57 -28.27
N GLU A 154 11.77 31.29 -29.40
CA GLU A 154 11.58 32.11 -30.60
C GLU A 154 10.09 32.22 -30.95
N GLN A 155 9.45 31.07 -31.14
CA GLN A 155 8.03 31.03 -31.49
C GLN A 155 7.14 31.67 -30.43
N ALA A 156 7.57 31.59 -29.17
CA ALA A 156 6.85 32.21 -28.07
C ALA A 156 6.77 33.74 -28.21
N LYS A 157 7.70 34.32 -28.97
CA LYS A 157 7.66 35.76 -29.23
C LYS A 157 6.35 36.27 -29.87
N ALA A 158 5.63 35.40 -30.58
CA ALA A 158 4.38 35.81 -31.24
C ALA A 158 3.19 35.84 -30.28
N LEU A 159 3.40 35.30 -29.08
CA LEU A 159 2.36 35.24 -28.08
C LEU A 159 1.92 36.61 -27.62
N SER A 160 0.62 36.86 -27.66
CA SER A 160 0.05 38.03 -27.01
C SER A 160 -0.30 37.64 -25.57
N VAL A 161 -0.08 38.57 -24.64
CA VAL A 161 -0.19 38.28 -23.22
C VAL A 161 -1.23 39.15 -22.54
N GLU A 162 -2.13 38.53 -21.79
CA GLU A 162 -3.19 39.26 -21.11
C GLU A 162 -3.21 38.87 -19.65
N LEU A 163 -3.62 39.81 -18.79
CA LEU A 163 -3.67 39.51 -17.37
C LEU A 163 -4.93 38.75 -17.05
N GLU A 164 -4.76 37.69 -16.28
CA GLU A 164 -5.88 36.90 -15.83
C GLU A 164 -6.18 37.30 -14.40
N ILE A 165 -5.13 37.50 -13.61
CA ILE A 165 -5.27 37.96 -12.23
C ILE A 165 -3.94 38.31 -11.59
N ASN A 166 -3.91 39.47 -10.93
CA ASN A 166 -2.75 39.87 -10.15
C ASN A 166 -3.07 39.71 -8.66
N PHE A 167 -2.39 38.78 -8.01
CA PHE A 167 -2.67 38.44 -6.63
C PHE A 167 -2.27 39.54 -5.65
N GLU A 168 -1.44 40.47 -6.12
CA GLU A 168 -0.94 41.57 -5.30
C GLU A 168 -1.90 42.75 -5.28
N THR A 169 -2.57 43.00 -6.40
CA THR A 169 -3.59 44.04 -6.45
C THR A 169 -4.72 43.73 -5.46
N ARG A 170 -5.00 42.44 -5.27
CA ARG A 170 -5.96 42.00 -4.27
C ARG A 170 -5.46 42.42 -2.89
N GLY A 171 -4.15 42.70 -2.81
CA GLY A 171 -3.50 43.19 -1.62
C GLY A 171 -3.92 42.50 -0.34
N LYS A 172 -4.17 41.20 -0.41
CA LYS A 172 -4.54 40.43 0.79
C LYS A 172 -3.29 39.90 1.51
N ARG A 173 -3.49 39.42 2.73
CA ARG A 173 -2.40 38.90 3.56
C ARG A 173 -1.95 37.49 3.14
N GLY A 174 -0.72 37.14 3.53
CA GLY A 174 -0.15 35.84 3.21
C GLY A 174 -0.38 35.45 1.76
N GLN A 175 -0.85 34.21 1.60
CA GLN A 175 -1.08 33.67 0.27
C GLN A 175 -2.59 33.52 0.01
N ASP A 176 -3.38 34.26 0.78
CA ASP A 176 -4.83 34.19 0.71
C ASP A 176 -5.35 34.37 -0.72
N ALA A 177 -4.80 35.33 -1.43
CA ALA A 177 -5.33 35.63 -2.76
C ALA A 177 -5.14 34.45 -3.71
N MET A 178 -3.96 33.83 -3.65
CA MET A 178 -3.67 32.66 -4.47
C MET A 178 -4.61 31.50 -4.13
N TYR A 179 -4.65 31.11 -2.87
CA TYR A 179 -5.49 29.98 -2.44
C TYR A 179 -6.99 30.21 -2.61
N GLU A 180 -7.44 31.44 -2.44
CA GLU A 180 -8.87 31.71 -2.64
C GLU A 180 -9.23 31.62 -4.12
N TYR A 181 -8.31 32.07 -4.96
CA TYR A 181 -8.47 31.89 -6.40
C TYR A 181 -8.55 30.40 -6.82
N MET A 182 -7.61 29.59 -6.34
CA MET A 182 -7.63 28.15 -6.66
C MET A 182 -8.92 27.45 -6.23
N ALA A 183 -9.46 27.84 -5.07
CA ALA A 183 -10.68 27.20 -4.56
C ALA A 183 -11.87 27.44 -5.47
N GLN A 184 -11.76 28.41 -6.38
CA GLN A 184 -12.81 28.65 -7.35
C GLN A 184 -12.95 27.48 -8.34
N ALA A 185 -11.92 26.65 -8.45
CA ALA A 185 -12.00 25.47 -9.30
C ALA A 185 -13.26 24.67 -8.98
N CYS A 186 -13.57 24.54 -7.68
CA CYS A 186 -14.71 23.75 -7.26
C CYS A 186 -15.92 24.59 -6.80
N ALA A 187 -16.16 25.71 -7.47
CA ALA A 187 -17.29 26.60 -7.19
C ALA A 187 -17.22 27.19 -5.80
N SER A 200 -17.44 18.43 -1.03
CA SER A 200 -17.72 19.43 -2.06
C SER A 200 -16.54 20.36 -2.27
N CYS A 201 -16.59 21.53 -1.64
CA CYS A 201 -15.56 22.55 -1.85
C CYS A 201 -15.36 23.36 -0.57
N ILE A 202 -14.14 23.36 -0.06
CA ILE A 202 -13.77 24.24 1.04
C ILE A 202 -13.40 25.60 0.48
N ASN A 203 -14.28 26.57 0.65
CA ASN A 203 -14.09 27.91 0.08
C ASN A 203 -14.11 28.99 1.16
N LEU A 204 -13.05 29.09 1.95
CA LEU A 204 -13.08 29.93 3.17
C LEU A 204 -12.60 31.37 2.96
N ASP A 205 -13.18 32.28 3.72
CA ASP A 205 -12.76 33.68 3.74
C ASP A 205 -11.71 33.87 4.82
N TRP A 206 -10.44 33.80 4.42
CA TRP A 206 -9.31 33.88 5.35
C TRP A 206 -9.15 35.27 5.98
N ASP A 207 -9.73 36.27 5.36
CA ASP A 207 -9.73 37.60 5.97
C ASP A 207 -10.53 37.55 7.27
N VAL A 208 -11.72 36.96 7.19
CA VAL A 208 -12.56 36.77 8.37
C VAL A 208 -11.90 35.86 9.42
N ILE A 209 -11.29 34.75 8.99
CA ILE A 209 -10.61 33.85 9.91
C ILE A 209 -9.48 34.58 10.64
N ARG A 210 -8.72 35.38 9.90
CA ARG A 210 -7.68 36.18 10.55
C ARG A 210 -8.26 37.14 11.58
N ASP A 211 -9.31 37.87 11.21
CA ASP A 211 -9.92 38.82 12.15
C ASP A 211 -10.47 38.08 13.36
N LYS A 212 -11.30 37.06 13.13
CA LYS A 212 -11.87 36.32 14.24
C LYS A 212 -10.78 35.73 15.13
N THR A 213 -9.70 35.24 14.51
CA THR A 213 -8.63 34.59 15.27
C THR A 213 -7.98 35.56 16.25
N LYS A 214 -7.52 36.70 15.75
CA LYS A 214 -6.86 37.68 16.60
C LYS A 214 -7.81 38.13 17.71
N THR A 215 -9.08 38.32 17.33
CA THR A 215 -10.10 38.75 18.28
C THR A 215 -10.31 37.76 19.42
N LYS A 216 -10.16 36.47 19.15
CA LYS A 216 -10.39 35.45 20.16
C LYS A 216 -9.16 35.24 21.03
N ILE A 217 -7.98 35.29 20.41
CA ILE A 217 -6.74 35.28 21.18
C ILE A 217 -6.71 36.42 22.22
N GLU A 218 -7.21 37.58 21.84
CA GLU A 218 -7.29 38.69 22.78
C GLU A 218 -8.28 38.40 23.91
N SER A 219 -9.41 37.80 23.55
CA SER A 219 -10.46 37.51 24.54
C SER A 219 -10.04 36.44 25.51
N LEU A 220 -9.59 35.30 24.99
CA LEU A 220 -9.13 34.22 25.84
C LEU A 220 -8.04 34.67 26.81
N LYS A 221 -7.09 35.45 26.32
CA LYS A 221 -5.91 35.82 27.11
C LYS A 221 -6.25 36.74 28.31
N GLU A 222 -7.48 37.21 28.39
CA GLU A 222 -7.92 38.09 29.47
C GLU A 222 -8.76 37.35 30.52
N HIS A 223 -9.47 36.33 30.06
CA HIS A 223 -10.39 35.52 30.87
C HIS A 223 -9.86 35.19 32.28
N GLY A 224 -10.63 35.52 33.30
CA GLY A 224 -10.30 35.16 34.67
C GLY A 224 -9.77 33.75 34.85
N PRO A 225 -10.62 32.74 34.60
CA PRO A 225 -10.23 31.34 34.78
C PRO A 225 -8.94 30.96 34.01
N ILE A 226 -8.76 31.52 32.81
CA ILE A 226 -7.55 31.23 32.02
C ILE A 226 -6.32 31.86 32.66
N LYS A 227 -6.32 33.19 32.77
CA LYS A 227 -5.24 33.92 33.41
C LYS A 227 -4.85 33.24 34.70
N ASN A 228 -5.86 32.82 35.46
CA ASN A 228 -5.62 32.02 36.64
C ASN A 228 -4.75 30.82 36.27
N LYS A 229 -5.33 29.89 35.53
CA LYS A 229 -4.65 28.66 35.14
C LYS A 229 -3.20 28.86 34.73
N MET A 230 -2.90 30.02 34.13
CA MET A 230 -1.52 30.33 33.72
C MET A 230 -0.58 30.44 34.90
N SER A 231 -0.96 31.24 35.90
CA SER A 231 -0.09 31.46 37.06
C SER A 231 0.13 30.16 37.81
N GLU A 232 -0.65 29.14 37.48
CA GLU A 232 -0.54 27.82 38.08
C GLU A 232 0.48 26.98 37.34
N SER A 233 1.30 27.65 36.53
CA SER A 233 2.25 26.97 35.66
C SER A 233 3.69 27.12 36.16
N PRO A 234 4.47 26.04 36.10
CA PRO A 234 5.88 26.00 36.51
C PRO A 234 6.70 27.12 35.87
N ASN A 235 6.21 27.64 34.75
CA ASN A 235 6.93 28.63 33.96
C ASN A 235 8.45 28.40 33.86
N LYS A 236 8.85 27.15 33.65
CA LYS A 236 10.26 26.79 33.51
C LYS A 236 10.43 25.42 32.84
N THR A 237 11.64 25.16 32.36
CA THR A 237 11.95 23.90 31.69
C THR A 237 11.58 22.71 32.56
N VAL A 238 10.71 21.86 32.04
CA VAL A 238 10.28 20.65 32.73
C VAL A 238 10.20 19.50 31.74
N SER A 239 10.13 18.26 32.24
CA SER A 239 10.04 17.09 31.37
C SER A 239 8.92 17.23 30.36
N GLU A 240 8.72 16.19 29.56
CA GLU A 240 7.70 16.24 28.52
C GLU A 240 6.35 15.79 29.06
N GLU A 241 6.37 14.82 29.97
CA GLU A 241 5.15 14.26 30.53
C GLU A 241 4.45 15.22 31.50
N LYS A 242 5.18 16.18 32.01
CA LYS A 242 4.61 17.14 32.95
C LYS A 242 4.05 18.34 32.21
N ALA A 243 4.73 18.74 31.14
CA ALA A 243 4.21 19.82 30.30
C ALA A 243 2.92 19.36 29.62
N LYS A 244 2.91 18.11 29.16
CA LYS A 244 1.72 17.54 28.54
C LYS A 244 0.52 17.58 29.48
N GLN A 245 0.74 17.19 30.74
CA GLN A 245 -0.33 17.23 31.75
C GLN A 245 -0.86 18.66 31.94
N TYR A 246 0.05 19.62 32.12
CA TYR A 246 -0.38 21.00 32.29
C TYR A 246 -1.18 21.51 31.08
N LEU A 247 -0.65 21.28 29.89
CA LEU A 247 -1.30 21.74 28.67
C LEU A 247 -2.67 21.08 28.46
N GLU A 248 -2.80 19.82 28.84
CA GLU A 248 -4.11 19.16 28.76
C GLU A 248 -5.09 19.87 29.68
N GLU A 249 -4.64 20.17 30.90
CA GLU A 249 -5.44 20.90 31.85
C GLU A 249 -5.78 22.27 31.28
N PHE A 250 -4.77 23.01 30.83
CA PHE A 250 -4.97 24.34 30.25
C PHE A 250 -6.03 24.28 29.15
N HIS A 251 -5.86 23.31 28.26
CA HIS A 251 -6.79 23.04 27.16
C HIS A 251 -8.24 22.99 27.66
N GLN A 252 -8.51 22.11 28.62
CA GLN A 252 -9.87 21.90 29.11
C GLN A 252 -10.47 23.17 29.67
N THR A 253 -9.68 23.87 30.48
CA THR A 253 -10.08 25.15 31.03
C THR A 253 -10.39 26.10 29.87
N ALA A 254 -9.48 26.14 28.91
CA ALA A 254 -9.58 27.08 27.81
C ALA A 254 -10.81 26.85 26.97
N LEU A 255 -11.16 25.57 26.79
CA LEU A 255 -12.26 25.15 25.89
C LEU A 255 -13.65 25.59 26.34
N GLU A 256 -13.77 25.94 27.62
CA GLU A 256 -15.04 26.36 28.20
C GLU A 256 -15.34 27.86 27.98
N HIS A 257 -14.40 28.58 27.38
CA HIS A 257 -14.66 29.96 27.01
C HIS A 257 -15.80 30.00 25.99
N PRO A 258 -16.69 30.98 26.11
CA PRO A 258 -17.82 31.21 25.19
C PRO A 258 -17.38 31.32 23.72
N GLU A 259 -16.25 31.95 23.48
CA GLU A 259 -15.80 32.22 22.12
C GLU A 259 -15.24 30.99 21.40
N LEU A 260 -14.99 29.92 22.16
CA LEU A 260 -14.64 28.62 21.58
C LEU A 260 -15.76 27.61 21.83
N SER A 261 -16.99 28.11 21.95
CA SER A 261 -18.17 27.28 22.23
C SER A 261 -18.39 26.19 21.18
N GLU A 262 -18.46 26.60 19.92
CA GLU A 262 -18.65 25.64 18.82
C GLU A 262 -17.55 24.59 18.78
N LEU A 263 -16.30 25.03 18.87
CA LEU A 263 -15.16 24.13 18.89
C LEU A 263 -15.33 23.04 19.94
N LYS A 264 -15.83 23.45 21.11
CA LYS A 264 -16.16 22.54 22.20
C LYS A 264 -17.03 21.37 21.75
N THR A 265 -18.06 21.68 20.96
CA THR A 265 -18.95 20.65 20.46
C THR A 265 -18.38 19.75 19.35
N VAL A 266 -17.75 20.36 18.33
CA VAL A 266 -17.24 19.59 17.20
C VAL A 266 -16.00 18.76 17.49
N THR A 267 -15.28 19.06 18.56
CA THR A 267 -14.14 18.23 18.98
C THR A 267 -14.52 17.28 20.11
N GLY A 268 -15.83 17.11 20.31
CA GLY A 268 -16.30 16.33 21.44
C GLY A 268 -16.04 14.84 21.33
N THR A 269 -16.22 14.29 20.13
CA THR A 269 -16.31 12.84 19.99
C THR A 269 -15.11 12.17 19.31
N ASN A 270 -14.58 12.82 18.27
CA ASN A 270 -13.43 12.27 17.53
C ASN A 270 -12.13 12.42 18.32
N PRO A 271 -11.52 11.29 18.69
CA PRO A 271 -10.30 11.23 19.50
C PRO A 271 -9.11 11.95 18.84
N VAL A 272 -9.17 12.15 17.53
CA VAL A 272 -8.11 12.91 16.87
C VAL A 272 -8.10 14.35 17.40
N PHE A 273 -9.28 14.85 17.80
CA PHE A 273 -9.45 16.25 18.15
C PHE A 273 -9.39 16.53 19.64
N ALA A 274 -9.05 15.54 20.45
CA ALA A 274 -9.05 15.71 21.91
C ALA A 274 -7.92 16.63 22.41
N GLY A 275 -8.05 17.07 23.65
CA GLY A 275 -7.07 17.96 24.25
C GLY A 275 -5.68 17.37 24.31
N ALA A 276 -5.63 16.05 24.45
CA ALA A 276 -4.35 15.36 24.47
C ALA A 276 -3.53 15.65 23.20
N ASN A 277 -4.20 15.66 22.05
CA ASN A 277 -3.50 15.85 20.78
C ASN A 277 -3.12 17.31 20.55
N TYR A 278 -3.95 18.23 21.03
CA TYR A 278 -3.61 19.65 21.05
C TYR A 278 -2.35 19.91 21.87
N ALA A 279 -2.23 19.23 23.01
CA ALA A 279 -1.07 19.42 23.88
C ALA A 279 0.17 18.82 23.25
N ALA A 280 0.02 17.64 22.66
CA ALA A 280 1.11 17.00 21.93
C ALA A 280 1.61 17.92 20.80
N TRP A 281 0.67 18.49 20.05
CA TRP A 281 0.99 19.48 19.04
C TRP A 281 1.70 20.69 19.66
N ALA A 282 1.10 21.27 20.68
CA ALA A 282 1.64 22.47 21.34
C ALA A 282 3.08 22.24 21.77
N VAL A 283 3.30 21.11 22.44
CA VAL A 283 4.61 20.74 22.94
C VAL A 283 5.60 20.49 21.80
N ASN A 284 5.12 19.85 20.74
CA ASN A 284 5.93 19.69 19.55
C ASN A 284 6.42 21.03 18.97
N VAL A 285 5.53 22.00 18.91
CA VAL A 285 5.86 23.30 18.31
C VAL A 285 6.90 24.08 19.11
N ALA A 286 6.81 24.00 20.43
CA ALA A 286 7.77 24.67 21.32
C ALA A 286 9.13 24.01 21.19
N GLN A 287 9.15 22.68 21.10
CA GLN A 287 10.39 21.93 21.07
C GLN A 287 11.27 22.30 19.88
N VAL A 288 10.65 22.69 18.77
CA VAL A 288 11.39 22.82 17.52
C VAL A 288 11.53 24.26 17.04
N ILE A 289 10.88 25.19 17.71
CA ILE A 289 11.02 26.59 17.30
C ILE A 289 12.01 27.35 18.18
N ASP A 290 13.19 27.62 17.63
CA ASP A 290 14.18 28.42 18.35
C ASP A 290 14.09 29.87 17.91
N SER A 291 14.93 30.73 18.48
CA SER A 291 14.81 32.16 18.24
C SER A 291 15.02 32.50 16.76
N GLU A 292 15.99 31.86 16.13
CA GLU A 292 16.25 32.10 14.72
C GLU A 292 15.00 31.86 13.89
N THR A 293 14.38 30.71 14.10
CA THR A 293 13.19 30.32 13.37
C THR A 293 12.01 31.26 13.62
N ALA A 294 11.75 31.55 14.89
CA ALA A 294 10.58 32.33 15.28
C ALA A 294 10.51 33.64 14.49
N ASP A 295 11.70 34.19 14.21
CA ASP A 295 11.85 35.51 13.61
C ASP A 295 11.65 35.54 12.09
N ASN A 296 11.45 34.37 11.49
CA ASN A 296 11.29 34.25 10.03
C ASN A 296 10.13 33.33 9.65
N LEU A 297 9.21 33.82 8.82
CA LEU A 297 7.99 33.10 8.51
C LEU A 297 8.26 31.84 7.69
N GLU A 298 9.16 31.98 6.72
CA GLU A 298 9.53 30.87 5.85
C GLU A 298 10.14 29.75 6.69
N LYS A 299 11.13 30.10 7.51
CA LYS A 299 11.76 29.13 8.39
C LYS A 299 10.76 28.54 9.39
N THR A 300 9.84 29.35 9.87
CA THR A 300 8.81 28.82 10.76
C THR A 300 7.97 27.81 10.01
N THR A 301 7.57 28.13 8.79
CA THR A 301 6.74 27.21 8.02
C THR A 301 7.47 25.91 7.72
N ALA A 302 8.77 26.01 7.47
CA ALA A 302 9.57 24.81 7.22
C ALA A 302 9.55 23.91 8.44
N ALA A 303 9.82 24.49 9.60
CA ALA A 303 9.86 23.73 10.84
C ALA A 303 8.48 23.11 11.14
N LEU A 304 7.43 23.94 11.08
CA LEU A 304 6.07 23.47 11.35
C LEU A 304 5.61 22.38 10.38
N SER A 305 5.99 22.51 9.12
CA SER A 305 5.50 21.62 8.09
C SER A 305 5.91 20.15 8.24
N ILE A 306 6.92 19.86 9.06
CA ILE A 306 7.41 18.49 9.18
C ILE A 306 7.00 17.83 10.47
N LEU A 307 6.13 18.48 11.25
CA LEU A 307 5.57 17.89 12.46
C LEU A 307 4.37 16.95 12.19
N PRO A 308 4.26 15.86 12.97
CA PRO A 308 3.06 15.03 12.91
C PRO A 308 1.96 15.71 13.70
N GLY A 309 0.75 15.17 13.67
CA GLY A 309 -0.33 15.66 14.52
C GLY A 309 -1.10 16.90 14.06
N ILE A 310 -0.74 17.51 12.93
CA ILE A 310 -1.45 18.71 12.53
C ILE A 310 -2.94 18.51 12.25
N GLY A 311 -3.34 17.29 11.90
CA GLY A 311 -4.75 17.02 11.65
C GLY A 311 -5.63 17.31 12.86
N SER A 312 -5.02 17.23 14.05
CA SER A 312 -5.72 17.55 15.29
C SER A 312 -6.17 19.00 15.35
N VAL A 313 -5.32 19.91 14.90
CA VAL A 313 -5.66 21.33 14.88
C VAL A 313 -6.56 21.69 13.71
N MET A 314 -6.25 21.11 12.54
CA MET A 314 -7.01 21.41 11.33
C MET A 314 -8.38 20.79 11.36
N GLY A 315 -8.60 19.86 12.27
CA GLY A 315 -9.87 19.14 12.32
C GLY A 315 -10.08 18.24 11.10
N ILE A 316 -9.05 17.47 10.76
CA ILE A 316 -9.07 16.66 9.54
C ILE A 316 -8.82 15.20 9.87
N ALA A 317 -9.81 14.35 9.57
CA ALA A 317 -9.67 12.94 9.86
C ALA A 317 -10.62 12.11 9.02
N ASP A 318 -10.29 10.82 8.86
CA ASP A 318 -11.10 9.86 8.10
C ASP A 318 -11.47 10.34 6.70
N GLY A 319 -10.59 11.12 6.07
CA GLY A 319 -10.83 11.50 4.69
C GLY A 319 -11.71 12.72 4.49
N ALA A 320 -12.04 13.41 5.59
CA ALA A 320 -12.86 14.60 5.56
C ALA A 320 -12.24 15.80 6.29
N VAL A 321 -12.53 16.99 5.78
CA VAL A 321 -12.23 18.22 6.52
C VAL A 321 -13.48 18.60 7.32
N HIS A 322 -13.46 18.28 8.62
CA HIS A 322 -14.58 18.59 9.51
C HIS A 322 -14.65 20.08 9.89
N HIS A 323 -13.51 20.71 10.17
CA HIS A 323 -13.49 22.16 10.47
C HIS A 323 -13.51 22.92 9.15
N ASN A 324 -14.72 23.22 8.70
CA ASN A 324 -14.94 23.81 7.39
C ASN A 324 -15.80 25.05 7.45
N THR A 325 -15.82 25.74 8.59
CA THR A 325 -16.47 27.05 8.71
C THR A 325 -15.48 28.05 9.26
N GLU A 326 -15.60 29.31 8.85
CA GLU A 326 -14.62 30.32 9.27
C GLU A 326 -14.57 30.41 10.78
N GLU A 327 -15.74 30.34 11.42
CA GLU A 327 -15.82 30.41 12.86
C GLU A 327 -15.03 29.29 13.53
N ILE A 328 -15.29 28.06 13.11
CA ILE A 328 -14.66 26.91 13.75
C ILE A 328 -13.14 26.84 13.52
N VAL A 329 -12.69 27.24 12.34
CA VAL A 329 -11.25 27.30 12.10
C VAL A 329 -10.54 28.35 12.97
N ALA A 330 -11.13 29.54 13.11
CA ALA A 330 -10.53 30.58 13.94
C ALA A 330 -10.46 30.15 15.40
N GLN A 331 -11.48 29.44 15.86
CA GLN A 331 -11.48 28.94 17.22
C GLN A 331 -10.34 27.94 17.43
N SER A 332 -10.21 26.98 16.52
CA SER A 332 -9.16 25.98 16.63
C SER A 332 -7.78 26.61 16.61
N ILE A 333 -7.55 27.49 15.64
CA ILE A 333 -6.29 28.23 15.56
C ILE A 333 -6.06 29.09 16.81
N ALA A 334 -7.10 29.79 17.28
CA ALA A 334 -6.95 30.64 18.45
C ALA A 334 -6.52 29.81 19.66
N LEU A 335 -7.07 28.60 19.78
CA LEU A 335 -6.75 27.72 20.91
C LEU A 335 -5.30 27.23 20.86
N SER A 336 -4.86 26.79 19.68
CA SER A 336 -3.51 26.26 19.51
C SER A 336 -2.46 27.32 19.82
N SER A 337 -2.71 28.55 19.39
CA SER A 337 -1.78 29.64 19.62
C SER A 337 -1.58 29.86 21.10
N LEU A 338 -2.70 29.97 21.82
CA LEU A 338 -2.66 30.15 23.27
C LEU A 338 -1.84 29.03 23.87
N MET A 339 -2.07 27.82 23.35
CA MET A 339 -1.42 26.65 23.91
C MET A 339 0.07 26.61 23.61
N VAL A 340 0.46 27.00 22.41
CA VAL A 340 1.88 27.11 22.09
C VAL A 340 2.54 28.16 22.99
N ALA A 341 1.81 29.23 23.30
CA ALA A 341 2.33 30.32 24.13
C ALA A 341 2.67 29.81 25.52
N GLN A 342 1.85 28.88 26.00
CA GLN A 342 2.02 28.27 27.30
C GLN A 342 3.06 27.16 27.29
N ALA A 343 3.25 26.53 26.14
CA ALA A 343 4.21 25.43 26.03
C ALA A 343 5.65 25.94 25.94
N ILE A 344 5.82 27.14 25.42
CA ILE A 344 7.17 27.69 25.20
C ILE A 344 8.03 27.87 26.47
N PRO A 345 7.43 28.33 27.57
CA PRO A 345 8.23 28.39 28.81
C PRO A 345 8.44 27.01 29.43
N LEU A 346 7.60 26.06 29.07
CA LEU A 346 7.60 24.75 29.73
C LEU A 346 8.45 23.69 29.03
N VAL A 347 8.85 23.95 27.78
CA VAL A 347 9.61 22.98 27.01
C VAL A 347 10.34 23.58 25.80
N GLY A 348 10.34 24.91 25.70
CA GLY A 348 10.95 25.55 24.55
C GLY A 348 12.19 26.38 24.88
N GLU A 349 12.48 27.34 24.02
CA GLU A 349 13.59 28.27 24.23
C GLU A 349 13.09 29.67 24.52
N GLY A 354 5.47 35.46 22.37
CA GLY A 354 5.30 36.34 21.23
C GLY A 354 5.07 35.66 19.89
N PHE A 355 6.02 34.83 19.49
CA PHE A 355 5.91 34.07 18.27
C PHE A 355 4.55 33.37 18.18
N ALA A 356 3.98 33.03 19.33
CA ALA A 356 2.74 32.24 19.38
C ALA A 356 1.55 32.94 18.72
N ALA A 357 1.51 34.26 18.81
CA ALA A 357 0.41 35.00 18.20
C ALA A 357 0.82 35.68 16.89
N TYR A 358 2.10 35.56 16.54
CA TYR A 358 2.61 36.17 15.31
C TYR A 358 2.85 35.14 14.22
N ASN A 359 4.10 34.69 14.12
CA ASN A 359 4.44 33.78 13.02
C ASN A 359 3.77 32.44 13.14
N PHE A 360 3.54 31.98 14.37
CA PHE A 360 2.90 30.68 14.51
C PHE A 360 1.54 30.71 13.82
N VAL A 361 0.81 31.81 13.98
CA VAL A 361 -0.52 31.96 13.39
C VAL A 361 -0.41 32.10 11.88
N GLU A 362 0.44 33.01 11.45
CA GLU A 362 0.71 33.24 10.04
C GLU A 362 1.10 31.95 9.35
N SER A 363 2.01 31.21 9.95
CA SER A 363 2.52 29.99 9.36
C SER A 363 1.45 28.90 9.34
N ILE A 364 0.71 28.73 10.43
CA ILE A 364 -0.23 27.61 10.46
C ILE A 364 -1.39 27.88 9.52
N ILE A 365 -1.76 29.15 9.37
CA ILE A 365 -2.71 29.57 8.34
C ILE A 365 -2.30 29.07 6.93
N ASN A 366 -1.04 29.26 6.57
CA ASN A 366 -0.54 28.77 5.28
C ASN A 366 -0.71 27.26 5.14
N LEU A 367 -0.42 26.51 6.20
CA LEU A 367 -0.53 25.04 6.19
C LEU A 367 -1.98 24.52 6.07
N PHE A 368 -2.91 25.17 6.75
CA PHE A 368 -4.33 24.90 6.56
C PHE A 368 -4.65 25.01 5.07
N GLN A 369 -4.12 26.04 4.42
CA GLN A 369 -4.51 26.39 3.06
C GLN A 369 -4.00 25.33 2.12
N VAL A 370 -2.78 24.86 2.39
CA VAL A 370 -2.17 23.79 1.60
C VAL A 370 -3.03 22.53 1.68
N VAL A 371 -3.33 22.05 2.88
CA VAL A 371 -4.08 20.80 3.03
C VAL A 371 -5.51 20.92 2.51
N HIS A 372 -6.15 22.06 2.77
CA HIS A 372 -7.45 22.36 2.19
C HIS A 372 -7.46 22.20 0.66
N ASN A 373 -6.48 22.81 0.00
CA ASN A 373 -6.34 22.76 -1.47
C ASN A 373 -6.24 21.32 -2.02
N SER A 374 -5.46 20.50 -1.33
CA SER A 374 -5.40 19.05 -1.61
C SER A 374 -6.79 18.38 -1.60
N TYR A 375 -7.58 18.66 -0.57
CA TYR A 375 -8.88 17.99 -0.40
C TYR A 375 -9.91 18.51 -1.39
N ASN A 376 -9.74 19.75 -1.83
CA ASN A 376 -10.54 20.31 -2.92
C ASN A 376 -10.24 19.66 -4.29
N ARG A 377 -9.04 19.10 -4.46
CA ARG A 377 -8.63 18.56 -5.74
C ARG A 377 -9.21 17.15 -5.94
N PRO A 378 -9.67 16.84 -7.16
CA PRO A 378 -10.25 15.52 -7.44
C PRO A 378 -9.21 14.45 -7.20
N ALA A 379 -9.57 13.36 -6.52
CA ALA A 379 -8.59 12.33 -6.21
C ALA A 379 -9.30 11.02 -5.92
N TYR A 380 -8.59 9.90 -5.98
CA TYR A 380 -9.23 8.63 -5.66
C TYR A 380 -9.12 8.32 -4.18
N SER A 381 -10.23 7.90 -3.62
CA SER A 381 -10.32 7.53 -2.24
C SER A 381 -9.71 6.16 -2.07
N PRO A 382 -9.36 5.78 -0.82
CA PRO A 382 -8.79 4.46 -0.58
C PRO A 382 -9.64 3.33 -1.17
N GLY A 383 -8.97 2.38 -1.79
CA GLY A 383 -9.65 1.19 -2.29
C GLY A 383 -10.28 1.37 -3.65
N HIS A 384 -10.14 2.57 -4.21
CA HIS A 384 -10.59 2.88 -5.57
C HIS A 384 -9.37 2.90 -6.48
N LYS A 385 -9.56 2.51 -7.75
CA LYS A 385 -8.43 2.35 -8.68
C LYS A 385 -7.28 1.66 -7.99
N THR A 386 -6.07 2.21 -8.05
CA THR A 386 -4.96 1.55 -7.37
C THR A 386 -4.59 2.23 -6.07
N GLN A 387 -5.46 3.08 -5.55
CA GLN A 387 -5.22 3.62 -4.23
C GLN A 387 -5.47 2.57 -3.17
N PRO A 388 -4.48 2.37 -2.30
CA PRO A 388 -4.58 1.37 -1.23
C PRO A 388 -5.60 1.71 -0.13
N PHE A 389 -6.19 0.66 0.45
CA PHE A 389 -7.10 0.77 1.55
C PHE A 389 -6.28 0.31 2.76
N LEU A 390 -6.14 1.17 3.78
CA LEU A 390 -5.21 0.94 4.90
C LEU A 390 -6.04 0.85 6.18
N HIS A 391 -5.98 -0.28 6.89
CA HIS A 391 -6.91 -0.53 7.98
C HIS A 391 -6.50 -1.74 8.83
N ASP A 392 -6.49 -1.57 10.15
CA ASP A 392 -6.21 -2.66 11.07
C ASP A 392 -4.89 -3.36 10.81
N GLY A 393 -3.93 -2.65 10.23
CA GLY A 393 -2.63 -3.23 9.92
C GLY A 393 -2.49 -3.79 8.51
N TYR A 394 -3.61 -3.94 7.82
CA TYR A 394 -3.60 -4.47 6.46
C TYR A 394 -3.38 -3.34 5.44
N ALA A 395 -2.87 -3.70 4.27
CA ALA A 395 -2.91 -2.81 3.11
C ALA A 395 -3.41 -3.64 1.93
N VAL A 396 -4.49 -3.21 1.30
CA VAL A 396 -4.99 -3.91 0.14
C VAL A 396 -5.21 -2.95 -1.02
N SER A 397 -5.07 -3.45 -2.24
CA SER A 397 -5.30 -2.57 -3.39
C SER A 397 -5.58 -3.39 -4.62
N TRP A 398 -6.39 -2.85 -5.53
CA TRP A 398 -6.49 -3.41 -6.87
C TRP A 398 -5.07 -3.38 -7.46
N ASN A 399 -4.65 -4.47 -8.11
CA ASN A 399 -3.30 -4.58 -8.65
C ASN A 399 -3.01 -3.57 -9.79
N THR A 400 -4.00 -3.33 -10.64
CA THR A 400 -3.93 -2.36 -11.72
C THR A 400 -5.30 -1.70 -11.86
N VAL A 401 -5.36 -0.57 -12.57
CA VAL A 401 -6.64 0.07 -12.86
C VAL A 401 -7.67 -0.89 -13.49
N GLU A 402 -7.27 -1.66 -14.51
CA GLU A 402 -8.21 -2.56 -15.21
C GLU A 402 -8.85 -3.60 -14.27
N ASP A 403 -8.11 -4.05 -13.27
CA ASP A 403 -8.66 -5.02 -12.30
C ASP A 403 -9.87 -4.47 -11.59
N SER A 404 -9.90 -3.14 -11.39
CA SER A 404 -10.93 -2.49 -10.61
C SER A 404 -12.16 -2.22 -11.46
N ILE A 405 -12.14 -2.68 -12.70
CA ILE A 405 -13.28 -2.47 -13.58
C ILE A 405 -13.86 -3.82 -13.90
N ILE A 406 -15.17 -3.96 -13.75
CA ILE A 406 -15.85 -5.20 -14.13
C ILE A 406 -16.59 -4.89 -15.41
N ARG A 407 -16.01 -5.30 -16.54
CA ARG A 407 -16.62 -5.07 -17.86
C ARG A 407 -17.92 -5.83 -17.99
N THR A 408 -18.85 -5.28 -18.77
CA THR A 408 -20.15 -5.91 -18.95
C THR A 408 -20.58 -5.86 -20.41
N GLY A 409 -21.72 -6.50 -20.70
CA GLY A 409 -22.23 -6.55 -22.06
C GLY A 409 -21.60 -7.62 -22.94
N PHE A 410 -21.23 -8.75 -22.33
CA PHE A 410 -20.67 -9.88 -23.07
C PHE A 410 -20.79 -11.14 -22.23
N GLN A 411 -20.84 -12.31 -22.86
CA GLN A 411 -20.83 -13.56 -22.12
C GLN A 411 -19.40 -14.00 -21.98
N GLY A 412 -19.02 -14.53 -20.81
CA GLY A 412 -17.66 -14.99 -20.63
C GLY A 412 -16.95 -14.56 -19.36
N GLU A 413 -15.64 -14.77 -19.33
CA GLU A 413 -14.85 -14.66 -18.12
C GLU A 413 -14.01 -13.37 -18.05
N SER A 414 -13.79 -12.92 -16.82
CA SER A 414 -12.78 -11.92 -16.53
C SER A 414 -12.11 -12.29 -15.20
N GLY A 415 -10.89 -11.81 -14.99
CA GLY A 415 -10.15 -12.03 -13.75
C GLY A 415 -9.73 -10.71 -13.12
N HIS A 416 -9.66 -10.69 -11.78
CA HIS A 416 -9.42 -9.45 -11.04
C HIS A 416 -8.44 -9.62 -9.89
N ASP A 417 -7.28 -8.97 -9.98
CA ASP A 417 -6.20 -9.16 -9.01
C ASP A 417 -6.19 -8.10 -7.93
N ILE A 418 -6.18 -8.56 -6.68
CA ILE A 418 -6.13 -7.70 -5.49
C ILE A 418 -4.89 -8.02 -4.65
N LYS A 419 -3.99 -7.05 -4.48
CA LYS A 419 -2.81 -7.23 -3.61
C LYS A 419 -3.21 -7.13 -2.15
N ILE A 420 -2.62 -7.94 -1.29
CA ILE A 420 -2.97 -7.93 0.14
C ILE A 420 -1.70 -8.11 0.95
N THR A 421 -1.42 -7.23 1.90
CA THR A 421 -0.36 -7.53 2.85
C THR A 421 -0.66 -6.93 4.21
N ALA A 422 0.27 -7.01 5.13
CA ALA A 422 0.09 -6.39 6.44
C ALA A 422 1.43 -5.87 6.96
N GLU A 423 1.36 -4.94 7.90
CA GLU A 423 2.52 -4.12 8.25
C GLU A 423 3.61 -4.88 8.99
N ASN A 424 3.21 -5.78 9.87
CA ASN A 424 4.20 -6.43 10.75
C ASN A 424 3.94 -7.93 11.03
N THR A 425 3.22 -8.23 12.11
CA THR A 425 3.01 -9.63 12.49
C THR A 425 2.00 -10.33 11.54
N PRO A 426 1.98 -11.68 11.53
CA PRO A 426 1.02 -12.38 10.66
C PRO A 426 -0.43 -12.09 11.01
N LEU A 427 -1.19 -11.56 10.07
CA LEU A 427 -2.60 -11.31 10.24
C LEU A 427 -3.39 -12.13 9.21
N PRO A 428 -4.49 -12.75 9.64
CA PRO A 428 -5.23 -13.67 8.77
C PRO A 428 -6.15 -13.00 7.74
N ILE A 429 -6.40 -13.69 6.64
CA ILE A 429 -7.48 -13.32 5.74
C ILE A 429 -8.50 -14.44 5.85
N ALA A 430 -9.68 -14.12 6.38
CA ALA A 430 -10.73 -15.12 6.66
C ALA A 430 -11.50 -15.52 5.42
N GLY A 431 -11.55 -14.63 4.44
CA GLY A 431 -12.36 -14.85 3.26
C GLY A 431 -12.62 -13.59 2.45
N VAL A 432 -13.53 -13.71 1.48
CA VAL A 432 -13.91 -12.55 0.67
C VAL A 432 -15.39 -12.59 0.27
N LEU A 433 -16.02 -11.42 0.28
CA LEU A 433 -17.43 -11.26 -0.04
C LEU A 433 -17.56 -10.64 -1.42
N LEU A 434 -18.14 -11.39 -2.35
CA LEU A 434 -18.21 -10.94 -3.72
C LEU A 434 -19.63 -10.68 -4.15
N PRO A 435 -19.89 -9.52 -4.77
CA PRO A 435 -21.23 -9.23 -5.28
C PRO A 435 -21.52 -10.04 -6.55
N THR A 436 -22.77 -10.47 -6.70
CA THR A 436 -23.17 -11.25 -7.85
C THR A 436 -24.49 -10.75 -8.39
N ILE A 437 -24.83 -11.19 -9.61
CA ILE A 437 -26.11 -10.85 -10.23
C ILE A 437 -26.58 -12.05 -11.02
N PRO A 438 -27.80 -12.53 -10.76
CA PRO A 438 -28.33 -13.73 -11.45
C PRO A 438 -28.02 -13.73 -12.95
N GLY A 439 -27.27 -14.73 -13.41
CA GLY A 439 -26.99 -14.91 -14.82
C GLY A 439 -26.31 -13.76 -15.55
N LYS A 440 -25.85 -12.76 -14.80
CA LYS A 440 -25.16 -11.62 -15.40
C LYS A 440 -23.72 -11.54 -14.87
N LEU A 441 -23.54 -12.05 -13.66
CA LEU A 441 -22.25 -12.00 -12.98
C LEU A 441 -22.25 -13.06 -11.88
N ASP A 442 -21.52 -14.13 -12.13
CA ASP A 442 -21.33 -15.18 -11.14
C ASP A 442 -19.84 -15.34 -10.85
N VAL A 443 -19.54 -15.89 -9.69
CA VAL A 443 -18.19 -16.23 -9.32
C VAL A 443 -17.78 -17.57 -9.93
N ASN A 444 -16.70 -17.56 -10.72
CA ASN A 444 -16.10 -18.79 -11.22
C ASN A 444 -15.30 -19.43 -10.09
N LYS A 445 -15.88 -20.45 -9.48
CA LYS A 445 -15.33 -21.09 -8.28
C LYS A 445 -13.96 -21.75 -8.46
N SER A 446 -13.72 -22.30 -9.64
CA SER A 446 -12.46 -23.01 -9.87
C SER A 446 -11.28 -22.08 -10.18
N LYS A 447 -11.56 -20.95 -10.83
CA LYS A 447 -10.47 -20.02 -11.16
C LYS A 447 -10.15 -19.04 -10.03
N THR A 448 -11.09 -18.84 -9.11
CA THR A 448 -10.92 -17.89 -7.99
C THR A 448 -10.01 -18.49 -6.93
N HIS A 449 -8.99 -17.76 -6.51
CA HIS A 449 -8.03 -18.32 -5.58
C HIS A 449 -7.22 -17.25 -4.92
N ILE A 450 -6.42 -17.64 -3.94
CA ILE A 450 -5.53 -16.70 -3.29
C ILE A 450 -4.14 -17.32 -3.14
N SER A 451 -3.16 -16.56 -3.59
CA SER A 451 -1.79 -17.01 -3.66
C SER A 451 -1.01 -16.28 -2.55
N VAL A 452 -0.27 -17.03 -1.74
CA VAL A 452 0.43 -16.43 -0.60
C VAL A 452 1.90 -16.69 -0.79
N ASN A 453 2.66 -15.64 -1.04
CA ASN A 453 4.07 -15.79 -1.42
C ASN A 453 4.22 -16.92 -2.42
N GLY A 454 3.30 -16.99 -3.37
CA GLY A 454 3.36 -17.99 -4.43
C GLY A 454 2.64 -19.30 -4.16
N ARG A 455 2.23 -19.55 -2.92
CA ARG A 455 1.45 -20.77 -2.66
C ARG A 455 0.01 -20.54 -3.13
N LYS A 456 -0.43 -21.28 -4.15
CA LYS A 456 -1.78 -21.08 -4.67
C LYS A 456 -2.82 -21.81 -3.81
N ILE A 457 -3.73 -21.06 -3.22
CA ILE A 457 -4.68 -21.61 -2.26
C ILE A 457 -6.08 -21.52 -2.83
N ARG A 458 -6.68 -22.66 -3.09
CA ARG A 458 -8.00 -22.70 -3.70
C ARG A 458 -9.06 -22.29 -2.68
N MET A 459 -10.21 -21.85 -3.17
CA MET A 459 -11.22 -21.35 -2.26
C MET A 459 -12.50 -22.13 -2.31
N ARG A 460 -13.19 -22.17 -1.17
CA ARG A 460 -14.52 -22.74 -1.10
C ARG A 460 -15.50 -21.57 -1.09
N CYS A 461 -16.32 -21.50 -2.12
CA CYS A 461 -17.22 -20.36 -2.28
C CYS A 461 -18.65 -20.88 -2.25
N ARG A 462 -19.51 -20.14 -1.56
CA ARG A 462 -20.95 -20.42 -1.59
C ARG A 462 -21.74 -19.13 -1.70
N ALA A 463 -22.78 -19.16 -2.53
CA ALA A 463 -23.75 -18.08 -2.60
C ALA A 463 -24.48 -17.98 -1.26
N ILE A 464 -24.52 -16.78 -0.71
CA ILE A 464 -25.31 -16.55 0.48
C ILE A 464 -26.49 -15.61 0.19
N ASP A 465 -27.22 -15.24 1.23
CA ASP A 465 -28.40 -14.40 1.08
C ASP A 465 -28.01 -12.99 0.64
N GLY A 466 -28.77 -12.44 -0.28
CA GLY A 466 -28.59 -11.06 -0.71
C GLY A 466 -27.66 -10.83 -1.90
N ASP A 467 -27.51 -11.84 -2.75
CA ASP A 467 -26.65 -11.70 -3.92
C ASP A 467 -25.19 -11.38 -3.57
N VAL A 468 -24.68 -12.16 -2.62
CA VAL A 468 -23.27 -12.11 -2.27
C VAL A 468 -22.78 -13.55 -2.27
N THR A 469 -21.57 -13.77 -2.77
CA THR A 469 -20.92 -15.06 -2.64
C THR A 469 -19.77 -14.94 -1.64
N PHE A 470 -19.71 -15.88 -0.69
CA PHE A 470 -18.64 -15.86 0.29
C PHE A 470 -17.66 -16.97 -0.05
N CYS A 471 -16.40 -16.59 -0.17
CA CYS A 471 -15.33 -17.52 -0.53
C CYS A 471 -14.32 -17.55 0.59
N ARG A 472 -14.04 -18.74 1.12
CA ARG A 472 -13.03 -18.84 2.17
C ARG A 472 -11.91 -19.76 1.70
N PRO A 473 -10.67 -19.46 2.11
CA PRO A 473 -9.51 -20.22 1.61
C PRO A 473 -9.51 -21.64 2.19
N LYS A 474 -9.03 -22.62 1.42
CA LYS A 474 -8.92 -23.99 1.90
C LYS A 474 -7.64 -24.33 2.67
N SER A 475 -6.72 -23.37 2.79
CA SER A 475 -5.61 -23.46 3.74
C SER A 475 -5.53 -22.11 4.44
N PRO A 476 -5.03 -22.09 5.68
CA PRO A 476 -5.07 -20.81 6.37
C PRO A 476 -4.19 -19.74 5.64
N VAL A 477 -4.72 -18.53 5.52
CA VAL A 477 -3.97 -17.43 4.92
C VAL A 477 -3.52 -16.44 5.98
N TYR A 478 -2.23 -16.15 6.03
CA TYR A 478 -1.74 -15.03 6.83
C TYR A 478 -0.86 -14.12 5.98
N VAL A 479 -0.89 -12.81 6.26
CA VAL A 479 0.01 -11.86 5.60
C VAL A 479 0.68 -11.04 6.67
N GLY A 480 1.78 -10.37 6.33
CA GLY A 480 2.58 -9.65 7.30
C GLY A 480 3.84 -9.11 6.62
N ASN A 481 4.76 -8.55 7.39
CA ASN A 481 5.98 -8.04 6.79
C ASN A 481 6.68 -9.20 6.08
N GLY A 482 6.82 -9.11 4.76
CA GLY A 482 7.44 -10.21 4.01
C GLY A 482 6.52 -11.34 3.56
N VAL A 483 5.23 -11.26 3.90
CA VAL A 483 4.26 -12.24 3.36
C VAL A 483 3.08 -11.50 2.75
N HIS A 484 2.92 -11.63 1.45
CA HIS A 484 1.88 -10.92 0.73
C HIS A 484 1.05 -11.92 -0.04
N ALA A 485 -0.18 -11.56 -0.33
CA ALA A 485 -1.04 -12.42 -1.10
C ALA A 485 -1.57 -11.68 -2.33
N ASN A 486 -1.99 -12.46 -3.32
CA ASN A 486 -2.70 -11.94 -4.48
C ASN A 486 -4.02 -12.67 -4.54
N LEU A 487 -5.12 -11.96 -4.30
CA LEU A 487 -6.42 -12.58 -4.36
C LEU A 487 -6.88 -12.44 -5.78
N HIS A 488 -7.16 -13.56 -6.41
CA HIS A 488 -7.59 -13.55 -7.79
C HIS A 488 -9.06 -13.93 -7.91
N VAL A 489 -9.88 -12.93 -8.22
CA VAL A 489 -11.32 -13.15 -8.36
C VAL A 489 -11.65 -13.35 -9.83
N ALA A 490 -12.33 -14.46 -10.14
CA ALA A 490 -12.76 -14.71 -11.51
C ALA A 490 -14.27 -14.64 -11.62
N PHE A 491 -14.78 -13.77 -12.49
CA PHE A 491 -16.23 -13.66 -12.72
C PHE A 491 -16.59 -14.35 -14.02
N HIS A 492 -17.81 -14.87 -14.07
CA HIS A 492 -18.32 -15.49 -15.28
C HIS A 492 -19.67 -14.87 -15.61
N ARG A 493 -19.92 -14.61 -16.89
CA ARG A 493 -21.16 -13.99 -17.32
C ARG A 493 -21.85 -14.94 -18.29
N SER A 494 -23.01 -15.47 -17.91
CA SER A 494 -23.71 -16.38 -18.81
C SER A 494 -24.62 -15.63 -19.80
N SER A 495 -24.85 -14.35 -19.53
CA SER A 495 -25.68 -13.52 -20.40
C SER A 495 -24.84 -12.40 -21.03
N SER A 496 -25.27 -11.93 -22.20
CA SER A 496 -24.61 -10.80 -22.85
C SER A 496 -25.31 -9.49 -22.47
N GLU A 497 -26.41 -9.60 -21.71
CA GLU A 497 -27.15 -8.42 -21.26
C GLU A 497 -26.31 -7.51 -20.37
N LYS A 498 -26.14 -6.26 -20.80
CA LYS A 498 -25.42 -5.26 -20.01
C LYS A 498 -25.99 -5.16 -18.60
N ILE A 499 -25.10 -5.01 -17.63
CA ILE A 499 -25.48 -4.79 -16.24
C ILE A 499 -25.90 -3.34 -16.04
N HIS A 500 -27.12 -3.15 -15.55
CA HIS A 500 -27.65 -1.79 -15.35
C HIS A 500 -27.50 -1.30 -13.90
N SER A 501 -27.69 0.00 -13.71
CA SER A 501 -27.49 0.61 -12.40
C SER A 501 -28.43 0.04 -11.33
N ILE A 504 -26.19 -3.19 -9.38
CA ILE A 504 -25.70 -4.10 -8.34
C ILE A 504 -26.03 -3.55 -6.96
N SER A 505 -26.03 -4.45 -5.96
CA SER A 505 -26.30 -4.09 -4.58
C SER A 505 -25.16 -3.24 -4.03
N SER A 506 -23.95 -3.79 -4.10
CA SER A 506 -22.75 -3.10 -3.62
C SER A 506 -21.86 -2.68 -4.77
N ASP A 507 -21.00 -1.70 -4.51
CA ASP A 507 -19.99 -1.31 -5.48
C ASP A 507 -18.63 -1.69 -4.92
N SER A 508 -18.60 -2.67 -4.01
CA SER A 508 -17.33 -3.06 -3.41
C SER A 508 -17.19 -4.56 -3.19
N ILE A 509 -15.94 -4.98 -3.12
CA ILE A 509 -15.57 -6.34 -2.77
C ILE A 509 -15.05 -6.28 -1.34
N GLY A 510 -15.58 -7.13 -0.48
CA GLY A 510 -15.21 -7.09 0.92
C GLY A 510 -14.24 -8.19 1.29
N VAL A 511 -12.97 -7.82 1.47
CA VAL A 511 -11.98 -8.77 1.95
C VAL A 511 -12.05 -8.79 3.47
N LEU A 512 -12.15 -9.97 4.05
CA LEU A 512 -12.37 -10.05 5.50
C LEU A 512 -11.08 -10.38 6.20
N GLY A 513 -10.68 -9.51 7.14
CA GLY A 513 -9.53 -9.80 7.99
C GLY A 513 -9.89 -10.55 9.28
N TYR A 514 -9.11 -10.29 10.32
CA TYR A 514 -9.23 -11.01 11.58
C TYR A 514 -10.55 -10.68 12.30
N GLN A 515 -11.00 -11.61 13.14
CA GLN A 515 -12.23 -11.48 13.91
C GLN A 515 -11.96 -10.73 15.21
N LYS A 516 -12.79 -9.76 15.51
CA LYS A 516 -12.61 -8.92 16.69
C LYS A 516 -13.97 -8.63 17.32
N HIS A 520 -19.76 -6.02 21.95
CA HIS A 520 -21.00 -6.26 21.23
C HIS A 520 -21.03 -7.64 20.55
N THR A 521 -20.78 -7.66 19.25
CA THR A 521 -20.81 -8.92 18.49
C THR A 521 -19.48 -9.20 17.78
N LYS A 522 -19.35 -10.41 17.24
CA LYS A 522 -18.12 -10.84 16.57
C LYS A 522 -18.15 -10.42 15.10
N VAL A 523 -17.19 -9.59 14.71
CA VAL A 523 -17.11 -9.12 13.33
C VAL A 523 -15.70 -9.41 12.77
N ASN A 524 -15.56 -9.31 11.45
CA ASN A 524 -14.25 -9.38 10.80
C ASN A 524 -13.81 -7.98 10.39
N SER A 525 -12.51 -7.74 10.39
CA SER A 525 -11.99 -6.49 9.84
C SER A 525 -12.43 -6.43 8.38
N LYS A 526 -12.99 -5.31 7.95
CA LYS A 526 -13.46 -5.19 6.58
C LYS A 526 -12.50 -4.33 5.75
N LEU A 527 -12.01 -4.91 4.66
CA LEU A 527 -11.08 -4.26 3.75
C LEU A 527 -11.78 -4.15 2.40
N SER A 528 -12.18 -2.95 2.01
CA SER A 528 -13.04 -2.80 0.84
C SER A 528 -12.27 -2.39 -0.42
N LEU A 529 -12.52 -3.08 -1.53
CA LEU A 529 -12.04 -2.66 -2.84
C LEU A 529 -13.23 -2.27 -3.71
N PHE A 530 -13.22 -1.03 -4.19
CA PHE A 530 -14.37 -0.44 -4.89
C PHE A 530 -14.16 -0.57 -6.39
N PHE A 531 -15.17 -1.03 -7.12
CA PHE A 531 -15.03 -1.28 -8.55
C PHE A 531 -15.99 -0.43 -9.37
N GLU A 532 -15.77 -0.38 -10.67
CA GLU A 532 -16.72 0.32 -11.53
C GLU A 532 -17.16 -0.60 -12.64
N ILE A 533 -18.43 -0.50 -13.00
CA ILE A 533 -18.99 -1.28 -14.10
C ILE A 533 -18.95 -0.45 -15.37
N LYS A 534 -18.30 -0.97 -16.41
CA LYS A 534 -18.14 -0.23 -17.65
C LYS A 534 -18.48 -1.00 -18.92
N SER A 535 -18.81 -0.23 -19.94
CA SER A 535 -18.95 -0.70 -21.33
C SER A 535 -20.38 -1.06 -21.70
N ASP B 3 -1.84 -16.65 -33.82
CA ASP B 3 -2.14 -15.32 -33.30
C ASP B 3 -1.89 -15.32 -31.80
N ASP B 4 -1.28 -14.26 -31.30
CA ASP B 4 -0.65 -14.30 -29.99
C ASP B 4 -1.53 -14.20 -28.74
N VAL B 5 -1.83 -15.39 -28.22
CA VAL B 5 -2.21 -15.60 -26.84
C VAL B 5 -1.20 -16.63 -26.40
N VAL B 6 -0.20 -16.86 -27.26
CA VAL B 6 0.77 -17.93 -27.07
C VAL B 6 2.22 -17.42 -27.05
N ASP B 7 2.89 -17.67 -25.94
CA ASP B 7 4.26 -17.24 -25.75
C ASP B 7 5.20 -18.27 -26.38
N SER B 8 5.59 -18.03 -27.61
CA SER B 8 6.53 -18.92 -28.31
C SER B 8 7.76 -19.23 -27.46
N SER B 9 8.40 -18.19 -26.93
CA SER B 9 9.68 -18.34 -26.25
C SER B 9 9.63 -19.25 -25.02
N LYS B 10 8.44 -19.49 -24.49
CA LYS B 10 8.30 -20.36 -23.32
C LYS B 10 7.65 -21.68 -23.71
N SER B 11 7.37 -21.84 -25.00
CA SER B 11 6.84 -23.10 -25.53
C SER B 11 7.97 -23.97 -26.07
N PHE B 12 7.76 -25.28 -26.11
CA PHE B 12 8.78 -26.20 -26.61
C PHE B 12 8.25 -27.62 -26.79
N VAL B 13 9.03 -28.46 -27.47
CA VAL B 13 8.73 -29.88 -27.55
C VAL B 13 9.75 -30.65 -26.73
N MET B 14 9.30 -31.71 -26.07
CA MET B 14 10.17 -32.49 -25.18
C MET B 14 9.82 -33.97 -25.17
N GLU B 15 10.85 -34.81 -25.21
CA GLU B 15 10.71 -36.26 -25.07
C GLU B 15 10.65 -36.63 -23.60
N ASN B 16 9.80 -37.60 -23.27
CA ASN B 16 9.59 -37.99 -21.87
C ASN B 16 9.28 -36.84 -20.90
N PHE B 17 8.31 -36.01 -21.29
CA PHE B 17 7.97 -34.87 -20.47
C PHE B 17 7.28 -35.28 -19.16
N SER B 18 7.85 -34.83 -18.03
CA SER B 18 7.38 -35.21 -16.71
C SER B 18 6.84 -34.02 -15.97
N SER B 19 5.83 -34.25 -15.17
CA SER B 19 5.32 -33.22 -14.28
C SER B 19 4.80 -33.89 -13.01
N TYR B 20 4.34 -33.08 -12.08
CA TYR B 20 3.93 -33.56 -10.76
C TYR B 20 2.45 -33.27 -10.49
N HIS B 21 1.84 -34.16 -9.71
CA HIS B 21 0.43 -34.06 -9.38
C HIS B 21 0.21 -34.50 -7.93
N GLY B 22 -0.22 -33.57 -7.11
CA GLY B 22 -0.49 -33.88 -5.71
C GLY B 22 -1.81 -34.60 -5.59
N THR B 23 -1.81 -35.69 -4.82
CA THR B 23 -2.95 -36.59 -4.74
C THR B 23 -3.42 -36.78 -3.30
N LYS B 24 -4.74 -36.81 -3.14
CA LYS B 24 -5.35 -36.90 -1.83
C LYS B 24 -5.34 -38.31 -1.26
N PRO B 25 -5.42 -38.41 0.08
CA PRO B 25 -5.39 -39.72 0.73
C PRO B 25 -6.51 -40.57 0.16
N GLY B 26 -6.21 -41.80 -0.21
CA GLY B 26 -7.22 -42.67 -0.79
C GLY B 26 -7.09 -42.76 -2.30
N TYR B 27 -6.14 -42.03 -2.86
CA TYR B 27 -5.88 -42.10 -4.30
C TYR B 27 -4.41 -42.36 -4.65
N VAL B 28 -3.55 -42.37 -3.63
CA VAL B 28 -2.11 -42.52 -3.88
C VAL B 28 -1.77 -43.81 -4.66
N ASP B 29 -2.21 -44.96 -4.15
CA ASP B 29 -1.97 -46.22 -4.83
C ASP B 29 -2.79 -46.30 -6.12
N SER B 30 -4.08 -46.04 -5.99
CA SER B 30 -5.02 -45.93 -7.10
C SER B 30 -4.52 -45.18 -8.35
N ILE B 31 -3.98 -43.98 -8.15
CA ILE B 31 -3.60 -43.13 -9.28
C ILE B 31 -2.38 -43.68 -10.03
N GLN B 32 -1.56 -44.47 -9.35
CA GLN B 32 -0.40 -45.08 -9.99
C GLN B 32 -0.82 -46.13 -11.05
N LYS B 33 -2.08 -46.56 -10.99
CA LYS B 33 -2.60 -47.51 -11.97
C LYS B 33 -3.01 -46.79 -13.25
N GLY B 34 -2.94 -45.47 -13.25
CA GLY B 34 -3.20 -44.70 -14.46
C GLY B 34 -4.18 -43.54 -14.30
N ILE B 35 -4.05 -42.53 -15.15
CA ILE B 35 -4.85 -41.31 -15.02
C ILE B 35 -6.22 -41.41 -15.69
N GLN B 36 -7.27 -41.46 -14.87
CA GLN B 36 -8.63 -41.55 -15.38
C GLN B 36 -9.49 -40.38 -14.88
N LYS B 37 -10.40 -39.90 -15.73
CA LYS B 37 -11.29 -38.81 -15.38
C LYS B 37 -12.35 -39.24 -14.37
N LYS B 51 -11.71 -30.77 -18.12
CA LYS B 51 -10.62 -31.41 -18.86
C LYS B 51 -9.49 -30.43 -19.14
N GLU B 52 -10.26 -31.31 -17.47
CA GLU B 52 -8.90 -30.82 -17.30
C GLU B 52 -8.18 -31.54 -16.15
N PHE B 53 -7.05 -32.19 -16.46
CA PHE B 53 -6.18 -32.77 -15.44
C PHE B 53 -4.94 -31.87 -15.25
N TYR B 54 -4.71 -31.42 -14.03
CA TYR B 54 -3.66 -30.43 -13.74
C TYR B 54 -2.41 -31.06 -13.20
N SER B 55 -1.26 -30.54 -13.63
CA SER B 55 -0.01 -30.94 -13.01
C SER B 55 0.90 -29.71 -12.89
N THR B 56 2.08 -29.87 -12.29
CA THR B 56 2.97 -28.71 -12.10
C THR B 56 4.43 -29.12 -12.19
N ASP B 57 5.29 -28.18 -12.56
CA ASP B 57 6.71 -28.50 -12.67
C ASP B 57 7.35 -28.50 -11.30
N ASN B 58 6.57 -28.19 -10.26
CA ASN B 58 7.14 -28.07 -8.92
C ASN B 58 6.49 -29.03 -7.93
N LYS B 59 7.25 -29.99 -7.43
CA LYS B 59 6.68 -31.10 -6.66
C LYS B 59 6.28 -30.69 -5.25
N TYR B 60 6.88 -29.62 -4.74
CA TYR B 60 6.51 -29.09 -3.42
C TYR B 60 5.20 -28.31 -3.46
N ASP B 61 4.96 -27.58 -4.55
CA ASP B 61 3.66 -26.97 -4.80
C ASP B 61 2.64 -28.06 -5.04
N ALA B 62 3.05 -29.11 -5.76
CA ALA B 62 2.19 -30.29 -5.92
C ALA B 62 1.69 -30.79 -4.55
N ALA B 63 2.61 -30.86 -3.59
CA ALA B 63 2.29 -31.36 -2.26
C ALA B 63 1.09 -30.64 -1.60
N GLY B 64 0.97 -29.34 -1.83
CA GLY B 64 -0.06 -28.51 -1.22
C GLY B 64 -1.47 -28.88 -1.65
N TYR B 65 -1.57 -29.72 -2.67
CA TYR B 65 -2.85 -30.18 -3.17
C TYR B 65 -3.24 -31.55 -2.65
N SER B 66 -2.44 -32.08 -1.73
CA SER B 66 -2.59 -33.47 -1.26
C SER B 66 -3.52 -33.63 -0.07
N VAL B 67 -4.04 -32.54 0.48
CA VAL B 67 -4.80 -32.63 1.72
C VAL B 67 -6.28 -33.01 1.56
N ASP B 68 -6.68 -34.01 2.35
CA ASP B 68 -8.07 -34.49 2.42
C ASP B 68 -9.09 -33.38 2.18
N ASN B 69 -9.93 -33.55 1.16
CA ASN B 69 -10.85 -32.46 0.83
C ASN B 69 -11.99 -32.27 1.82
N GLU B 70 -12.19 -33.25 2.69
CA GLU B 70 -13.21 -33.16 3.72
C GLU B 70 -12.73 -32.28 4.85
N ASN B 71 -11.42 -32.22 5.00
CA ASN B 71 -10.78 -31.47 6.08
C ASN B 71 -9.56 -30.70 5.54
N PRO B 72 -9.81 -29.71 4.67
CA PRO B 72 -8.74 -29.01 3.95
C PRO B 72 -7.75 -28.29 4.87
N LEU B 73 -8.21 -27.76 6.00
CA LEU B 73 -7.30 -27.03 6.89
C LEU B 73 -6.35 -27.94 7.65
N SER B 74 -6.87 -29.06 8.17
CA SER B 74 -6.08 -29.90 9.07
C SER B 74 -6.05 -31.39 8.74
N GLY B 75 -6.62 -31.77 7.60
CA GLY B 75 -6.75 -33.19 7.28
C GLY B 75 -5.42 -33.88 7.00
N LYS B 76 -5.50 -35.17 6.68
CA LYS B 76 -4.32 -35.94 6.30
C LYS B 76 -3.90 -35.61 4.87
N ALA B 77 -2.60 -35.61 4.62
CA ALA B 77 -2.08 -35.36 3.29
C ALA B 77 -1.82 -36.70 2.61
N GLY B 78 -2.13 -36.81 1.33
CA GLY B 78 -1.99 -38.06 0.62
C GLY B 78 -0.58 -38.24 0.09
N GLY B 79 -0.31 -37.67 -1.08
CA GLY B 79 1.02 -37.82 -1.66
C GLY B 79 1.24 -37.02 -2.93
N VAL B 80 2.40 -37.24 -3.53
CA VAL B 80 2.75 -36.61 -4.79
C VAL B 80 3.22 -37.69 -5.76
N VAL B 81 2.70 -37.65 -6.98
CA VAL B 81 3.16 -38.55 -8.01
C VAL B 81 3.82 -37.80 -9.15
N LYS B 82 4.76 -38.45 -9.83
CA LYS B 82 5.33 -37.95 -11.08
C LYS B 82 4.65 -38.62 -12.27
N VAL B 83 4.12 -37.82 -13.18
CA VAL B 83 3.43 -38.31 -14.37
C VAL B 83 4.27 -38.01 -15.60
N THR B 84 4.46 -39.00 -16.48
CA THR B 84 5.34 -38.86 -17.64
C THR B 84 4.68 -39.29 -18.96
N TYR B 85 4.71 -38.41 -19.96
CA TYR B 85 4.27 -38.74 -21.31
C TYR B 85 5.40 -39.42 -22.06
N PRO B 86 5.16 -40.64 -22.59
CA PRO B 86 6.17 -41.27 -23.44
C PRO B 86 6.22 -40.53 -24.77
N GLY B 87 7.29 -40.67 -25.55
CA GLY B 87 7.38 -39.96 -26.81
C GLY B 87 7.46 -38.44 -26.68
N LEU B 88 7.00 -37.76 -27.73
CA LEU B 88 7.15 -36.31 -27.81
C LEU B 88 5.91 -35.59 -27.34
N THR B 89 6.14 -34.54 -26.55
CA THR B 89 5.06 -33.73 -26.02
C THR B 89 5.29 -32.25 -26.27
N LYS B 90 4.31 -31.61 -26.88
CA LYS B 90 4.33 -30.18 -27.10
C LYS B 90 3.77 -29.43 -25.88
N VAL B 91 4.60 -28.61 -25.24
CA VAL B 91 4.13 -27.72 -24.17
C VAL B 91 3.88 -26.32 -24.72
N LEU B 92 2.63 -25.91 -24.73
CA LEU B 92 2.24 -24.65 -25.35
C LEU B 92 1.97 -23.62 -24.26
N ALA B 93 2.84 -22.61 -24.16
CA ALA B 93 2.72 -21.57 -23.14
C ALA B 93 1.78 -20.44 -23.60
N LEU B 94 0.83 -20.08 -22.73
CA LEU B 94 -0.19 -19.07 -23.03
C LEU B 94 0.01 -17.77 -22.28
N LYS B 95 -0.40 -16.67 -22.90
CA LYS B 95 -0.24 -15.34 -22.31
C LYS B 95 -1.49 -14.90 -21.57
N VAL B 96 -2.62 -15.59 -21.79
CA VAL B 96 -3.85 -15.32 -21.07
C VAL B 96 -4.48 -16.63 -20.66
N ASP B 97 -5.34 -16.59 -19.64
CA ASP B 97 -6.07 -17.78 -19.22
C ASP B 97 -7.53 -17.65 -19.60
N ASN B 98 -7.80 -16.73 -20.52
CA ASN B 98 -9.16 -16.46 -20.94
C ASN B 98 -9.54 -17.32 -22.15
N ALA B 99 -10.33 -18.36 -21.90
CA ALA B 99 -10.64 -19.37 -22.92
C ALA B 99 -11.26 -18.77 -24.17
N GLU B 100 -12.08 -17.74 -24.00
CA GLU B 100 -12.73 -17.13 -25.17
C GLU B 100 -11.71 -16.43 -26.05
N THR B 101 -10.84 -15.63 -25.44
CA THR B 101 -9.76 -15.02 -26.20
C THR B 101 -8.96 -16.12 -26.89
N ILE B 102 -8.63 -17.17 -26.15
CA ILE B 102 -7.83 -18.28 -26.66
C ILE B 102 -8.53 -18.98 -27.83
N LYS B 103 -9.78 -19.39 -27.65
CA LYS B 103 -10.56 -19.99 -28.73
C LYS B 103 -10.56 -19.08 -29.96
N LYS B 104 -10.49 -17.77 -29.73
CA LYS B 104 -10.65 -16.78 -30.80
C LYS B 104 -9.39 -16.44 -31.59
N GLU B 105 -8.26 -16.32 -30.88
CA GLU B 105 -7.01 -15.94 -31.53
C GLU B 105 -6.26 -17.15 -32.10
N LEU B 106 -6.85 -18.32 -31.94
CA LEU B 106 -6.23 -19.53 -32.48
C LEU B 106 -7.14 -20.18 -33.52
N GLY B 107 -8.08 -19.41 -34.03
CA GLY B 107 -9.01 -19.92 -35.01
C GLY B 107 -9.72 -21.17 -34.53
N LEU B 108 -9.63 -21.43 -33.22
CA LEU B 108 -10.34 -22.56 -32.65
C LEU B 108 -11.83 -22.37 -32.85
N SER B 109 -12.60 -23.44 -32.67
CA SER B 109 -14.05 -23.31 -32.65
C SER B 109 -14.47 -22.58 -31.39
N LEU B 110 -15.15 -21.45 -31.57
CA LEU B 110 -15.60 -20.66 -30.44
C LEU B 110 -16.80 -21.28 -29.74
N THR B 111 -17.26 -22.43 -30.25
CA THR B 111 -18.40 -23.10 -29.65
C THR B 111 -17.99 -24.27 -28.75
N GLU B 112 -17.04 -25.08 -29.21
CA GLU B 112 -16.58 -26.23 -28.44
C GLU B 112 -15.62 -25.81 -27.32
N PRO B 113 -15.60 -26.57 -26.21
CA PRO B 113 -14.68 -26.29 -25.10
C PRO B 113 -13.25 -26.17 -25.58
N LEU B 114 -12.38 -25.60 -24.75
CA LEU B 114 -10.97 -25.44 -25.09
C LEU B 114 -10.20 -26.74 -24.96
N MET B 115 -10.22 -27.33 -23.76
CA MET B 115 -9.44 -28.53 -23.48
C MET B 115 -9.85 -29.73 -24.31
N GLU B 116 -11.14 -29.90 -24.54
CA GLU B 116 -11.58 -31.00 -25.39
C GLU B 116 -11.04 -30.79 -26.81
N GLN B 117 -10.80 -29.54 -27.18
CA GLN B 117 -10.26 -29.23 -28.51
C GLN B 117 -8.76 -29.51 -28.63
N VAL B 118 -7.97 -29.18 -27.61
CA VAL B 118 -6.52 -29.40 -27.66
C VAL B 118 -6.17 -30.88 -27.71
N GLY B 119 -7.14 -31.75 -27.42
CA GLY B 119 -6.92 -33.18 -27.48
C GLY B 119 -7.12 -33.81 -28.86
N THR B 120 -7.76 -33.08 -29.76
CA THR B 120 -8.02 -33.58 -31.11
C THR B 120 -6.78 -33.48 -32.00
N GLU B 121 -6.70 -34.36 -33.00
CA GLU B 121 -5.54 -34.40 -33.89
C GLU B 121 -5.41 -33.12 -34.72
N GLU B 122 -6.55 -32.54 -35.06
CA GLU B 122 -6.60 -31.29 -35.83
C GLU B 122 -5.77 -30.22 -35.10
N PHE B 123 -6.00 -30.11 -33.79
CA PHE B 123 -5.27 -29.15 -32.96
C PHE B 123 -3.82 -29.57 -32.77
N ILE B 124 -3.60 -30.85 -32.48
CA ILE B 124 -2.26 -31.38 -32.29
C ILE B 124 -1.43 -31.26 -33.58
N LYS B 125 -2.11 -31.39 -34.71
CA LYS B 125 -1.45 -31.14 -35.99
C LYS B 125 -0.99 -29.68 -36.06
N ARG B 126 -1.91 -28.75 -35.81
CA ARG B 126 -1.62 -27.33 -36.09
C ARG B 126 -0.68 -26.67 -35.08
N PHE B 127 -0.60 -27.21 -33.86
CA PHE B 127 0.19 -26.57 -32.80
C PHE B 127 1.19 -27.50 -32.13
N GLY B 128 1.13 -28.79 -32.45
CA GLY B 128 2.02 -29.77 -31.86
C GLY B 128 3.48 -29.78 -32.31
N ASP B 129 3.77 -29.21 -33.48
CA ASP B 129 5.12 -29.20 -34.02
C ASP B 129 5.70 -30.62 -34.20
N GLY B 130 4.85 -31.61 -34.40
CA GLY B 130 5.31 -32.98 -34.58
C GLY B 130 5.12 -33.88 -33.37
N ALA B 131 4.71 -33.28 -32.25
CA ALA B 131 4.50 -34.01 -31.00
C ALA B 131 3.22 -34.83 -31.03
N SER B 132 3.07 -35.73 -30.06
CA SER B 132 1.92 -36.62 -29.99
C SER B 132 0.75 -36.00 -29.25
N ARG B 133 1.02 -34.99 -28.43
CA ARG B 133 -0.04 -34.18 -27.84
C ARG B 133 0.46 -32.81 -27.42
N VAL B 134 -0.49 -31.89 -27.25
CA VAL B 134 -0.18 -30.59 -26.71
C VAL B 134 -0.65 -30.53 -25.26
N VAL B 135 0.19 -29.95 -24.41
CA VAL B 135 -0.16 -29.68 -23.03
C VAL B 135 -0.03 -28.18 -22.87
N LEU B 136 -1.07 -27.52 -22.33
CA LEU B 136 -1.05 -26.08 -22.13
C LEU B 136 -0.31 -25.70 -20.85
N SER B 137 0.41 -24.58 -20.93
CA SER B 137 1.24 -24.11 -19.83
C SER B 137 0.76 -22.73 -19.40
N LEU B 138 0.65 -22.53 -18.08
CA LEU B 138 0.34 -21.21 -17.49
C LEU B 138 1.21 -20.92 -16.27
N PRO B 139 1.46 -19.61 -15.99
CA PRO B 139 2.11 -19.27 -14.72
C PRO B 139 1.29 -19.88 -13.57
N PHE B 140 1.97 -20.52 -12.63
CA PHE B 140 1.27 -21.20 -11.54
C PHE B 140 0.48 -20.19 -10.70
N ALA B 141 1.13 -19.10 -10.31
CA ALA B 141 0.47 -18.13 -9.46
C ALA B 141 1.29 -16.87 -9.40
N GLU B 142 0.64 -15.76 -9.08
CA GLU B 142 1.37 -14.52 -8.81
C GLU B 142 2.30 -14.74 -7.64
N GLY B 143 3.52 -14.21 -7.73
CA GLY B 143 4.52 -14.39 -6.70
C GLY B 143 5.12 -15.79 -6.75
N SER B 144 4.78 -16.54 -7.79
CA SER B 144 5.36 -17.86 -8.03
C SER B 144 6.08 -17.93 -9.37
N SER B 145 7.17 -18.68 -9.39
CA SER B 145 7.86 -18.95 -10.64
C SER B 145 7.63 -20.38 -11.12
N SER B 146 6.72 -21.10 -10.46
CA SER B 146 6.39 -22.46 -10.89
C SER B 146 5.49 -22.39 -12.09
N VAL B 147 5.20 -23.54 -12.67
CA VAL B 147 4.37 -23.57 -13.86
C VAL B 147 3.25 -24.55 -13.62
N GLU B 148 2.08 -24.25 -14.18
CA GLU B 148 0.94 -25.14 -14.14
C GLU B 148 0.67 -25.74 -15.52
N TYR B 149 0.48 -27.06 -15.59
CA TYR B 149 0.13 -27.70 -16.85
C TYR B 149 -1.34 -28.11 -16.84
N ILE B 150 -2.03 -27.79 -17.92
CA ILE B 150 -3.39 -28.25 -18.13
C ILE B 150 -3.39 -29.35 -19.19
N ASN B 151 -3.78 -30.56 -18.80
CA ASN B 151 -3.73 -31.73 -19.68
C ASN B 151 -5.12 -32.17 -20.11
N ASN B 152 -5.27 -32.51 -21.40
CA ASN B 152 -6.52 -33.06 -21.91
C ASN B 152 -6.71 -34.49 -21.42
N TRP B 153 -7.91 -34.80 -20.91
CA TRP B 153 -8.16 -36.09 -20.26
C TRP B 153 -7.84 -37.31 -21.13
N GLU B 154 -8.22 -37.27 -22.40
CA GLU B 154 -7.99 -38.42 -23.29
C GLU B 154 -6.50 -38.69 -23.43
N GLN B 155 -5.78 -37.65 -23.84
CA GLN B 155 -4.33 -37.71 -23.99
C GLN B 155 -3.63 -38.08 -22.69
N ALA B 156 -4.29 -37.83 -21.56
CA ALA B 156 -3.69 -38.10 -20.26
C ALA B 156 -3.69 -39.59 -19.88
N LYS B 157 -4.50 -40.39 -20.56
CA LYS B 157 -4.48 -41.83 -20.32
C LYS B 157 -3.13 -42.43 -20.75
N ALA B 158 -2.38 -41.68 -21.54
CA ALA B 158 -1.06 -42.11 -22.01
C ALA B 158 0.02 -42.01 -20.93
N LEU B 159 -0.21 -41.18 -19.92
CA LEU B 159 0.77 -40.97 -18.86
C LEU B 159 1.06 -42.21 -18.01
N SER B 160 2.35 -42.48 -17.79
CA SER B 160 2.75 -43.43 -16.76
C SER B 160 2.89 -42.68 -15.44
N VAL B 161 2.50 -43.33 -14.36
CA VAL B 161 2.45 -42.68 -13.06
C VAL B 161 3.41 -43.33 -12.07
N GLU B 162 4.19 -42.51 -11.39
CA GLU B 162 5.16 -43.03 -10.44
C GLU B 162 5.07 -42.31 -9.11
N LEU B 163 5.47 -42.99 -8.03
CA LEU B 163 5.36 -42.39 -6.71
C LEU B 163 6.58 -41.54 -6.38
N GLU B 164 6.34 -40.30 -5.97
CA GLU B 164 7.40 -39.42 -5.47
C GLU B 164 7.44 -39.55 -3.95
N ILE B 165 6.28 -39.47 -3.31
CA ILE B 165 6.24 -39.67 -1.87
C ILE B 165 4.82 -39.84 -1.38
N ASN B 166 4.63 -40.76 -0.44
CA ASN B 166 3.35 -40.90 0.23
C ASN B 166 3.58 -40.34 1.62
N PHE B 167 2.77 -39.37 2.01
CA PHE B 167 2.94 -38.75 3.32
C PHE B 167 2.38 -39.64 4.43
N GLU B 168 1.45 -40.52 4.06
CA GLU B 168 0.81 -41.40 5.03
C GLU B 168 1.73 -42.55 5.45
N THR B 169 2.43 -43.13 4.50
CA THR B 169 3.39 -44.20 4.79
C THR B 169 4.44 -43.69 5.77
N ARG B 170 4.54 -42.37 5.84
CA ARG B 170 5.51 -41.68 6.67
C ARG B 170 5.22 -41.93 8.15
N GLY B 171 3.93 -42.13 8.47
CA GLY B 171 3.49 -42.42 9.82
C GLY B 171 3.49 -41.25 10.79
N LYS B 172 3.72 -40.04 10.28
CA LYS B 172 3.83 -38.85 11.11
C LYS B 172 2.48 -38.22 11.51
N ARG B 173 2.50 -37.45 12.59
CA ARG B 173 1.28 -36.81 13.09
C ARG B 173 0.89 -35.60 12.24
N GLY B 174 -0.37 -35.19 12.36
CA GLY B 174 -0.85 -33.99 11.67
C GLY B 174 -0.41 -33.95 10.21
N GLN B 175 0.04 -32.77 9.77
CA GLN B 175 0.49 -32.61 8.40
C GLN B 175 2.01 -32.46 8.35
N ASP B 176 2.68 -32.94 9.38
CA ASP B 176 4.14 -32.81 9.51
C ASP B 176 4.89 -33.30 8.27
N ALA B 177 4.49 -34.45 7.76
CA ALA B 177 5.19 -35.04 6.61
C ALA B 177 5.10 -34.13 5.39
N MET B 178 3.92 -33.56 5.16
CA MET B 178 3.74 -32.67 4.03
C MET B 178 4.64 -31.44 4.19
N TYR B 179 4.67 -30.87 5.39
CA TYR B 179 5.44 -29.64 5.62
C TYR B 179 6.94 -29.85 5.71
N GLU B 180 7.37 -30.97 6.28
CA GLU B 180 8.80 -31.25 6.32
C GLU B 180 9.31 -31.50 4.91
N TYR B 181 8.46 -32.09 4.07
CA TYR B 181 8.75 -32.24 2.64
C TYR B 181 8.92 -30.90 1.92
N MET B 182 7.90 -30.04 2.00
CA MET B 182 7.95 -28.74 1.32
C MET B 182 9.19 -27.97 1.76
N ALA B 183 9.53 -28.10 3.03
CA ALA B 183 10.65 -27.33 3.58
C ALA B 183 11.98 -27.75 2.96
N GLN B 184 11.98 -28.88 2.26
CA GLN B 184 13.19 -29.32 1.53
C GLN B 184 13.51 -28.38 0.38
N ALA B 185 12.50 -27.71 -0.18
CA ALA B 185 12.72 -26.76 -1.25
C ALA B 185 13.86 -25.79 -0.95
N CYS B 186 14.04 -25.45 0.33
CA CYS B 186 15.07 -24.48 0.71
C CYS B 186 16.20 -25.10 1.56
N ALA B 187 16.41 -26.40 1.40
CA ALA B 187 17.52 -27.13 2.03
C ALA B 187 17.34 -27.25 3.54
N CYS B 201 16.27 -20.82 5.74
CA CYS B 201 15.34 -21.96 5.69
C CYS B 201 14.97 -22.42 7.12
N ILE B 202 13.69 -22.38 7.41
CA ILE B 202 13.13 -22.89 8.66
C ILE B 202 12.82 -24.37 8.44
N ASN B 203 13.72 -25.23 8.90
CA ASN B 203 13.58 -26.66 8.69
C ASN B 203 13.51 -27.40 10.03
N LEU B 204 12.34 -27.41 10.65
CA LEU B 204 12.20 -27.88 12.02
C LEU B 204 11.74 -29.32 12.10
N ASP B 205 12.18 -30.02 13.15
CA ASP B 205 11.76 -31.41 13.41
C ASP B 205 10.52 -31.38 14.32
N TRP B 206 9.36 -31.45 13.69
CA TRP B 206 8.10 -31.34 14.45
C TRP B 206 7.87 -32.50 15.43
N ASP B 207 8.52 -33.63 15.20
CA ASP B 207 8.44 -34.72 16.16
C ASP B 207 9.16 -34.34 17.46
N VAL B 208 10.35 -33.77 17.32
CA VAL B 208 11.09 -33.27 18.48
C VAL B 208 10.26 -32.24 19.25
N ILE B 209 9.69 -31.29 18.53
CA ILE B 209 8.86 -30.23 19.12
C ILE B 209 7.63 -30.77 19.87
N ARG B 210 6.89 -31.67 19.22
CA ARG B 210 5.74 -32.30 19.86
C ARG B 210 6.10 -32.91 21.23
N ASP B 211 7.14 -33.74 21.27
CA ASP B 211 7.55 -34.39 22.51
C ASP B 211 8.02 -33.37 23.55
N LYS B 212 8.83 -32.41 23.13
CA LYS B 212 9.30 -31.38 24.06
C LYS B 212 8.14 -30.54 24.60
N THR B 213 7.17 -30.24 23.75
CA THR B 213 6.02 -29.47 24.17
C THR B 213 5.28 -30.25 25.24
N LYS B 214 5.00 -31.52 24.97
CA LYS B 214 4.30 -32.39 25.91
C LYS B 214 5.01 -32.40 27.26
N THR B 215 6.32 -32.62 27.23
CA THR B 215 7.13 -32.68 28.44
C THR B 215 7.06 -31.39 29.26
N LYS B 216 7.15 -30.26 28.58
CA LYS B 216 7.20 -28.98 29.28
C LYS B 216 5.84 -28.63 29.88
N ILE B 217 4.78 -28.91 29.15
CA ILE B 217 3.43 -28.72 29.69
C ILE B 217 3.24 -29.52 30.99
N GLU B 218 3.63 -30.79 30.96
CA GLU B 218 3.58 -31.62 32.18
C GLU B 218 4.42 -31.02 33.32
N SER B 219 5.68 -30.70 33.06
CA SER B 219 6.56 -30.09 34.08
C SER B 219 6.03 -28.78 34.66
N LEU B 220 5.49 -27.95 33.79
CA LEU B 220 4.92 -26.68 34.22
C LEU B 220 3.77 -26.91 35.20
N LYS B 221 2.93 -27.91 34.91
CA LYS B 221 1.70 -28.10 35.67
C LYS B 221 1.95 -28.60 37.11
N GLU B 222 3.19 -29.00 37.40
CA GLU B 222 3.53 -29.53 38.71
C GLU B 222 4.23 -28.51 39.60
N HIS B 223 4.91 -27.55 38.96
CA HIS B 223 5.68 -26.53 39.67
C HIS B 223 4.92 -25.88 40.83
N GLY B 224 5.52 -25.90 42.01
CA GLY B 224 4.94 -25.27 43.19
C GLY B 224 4.46 -23.85 42.94
N PRO B 225 5.37 -22.95 42.52
CA PRO B 225 5.00 -21.56 42.25
C PRO B 225 3.82 -21.42 41.29
N ILE B 226 3.73 -22.30 40.30
CA ILE B 226 2.68 -22.19 39.29
C ILE B 226 1.34 -22.74 39.77
N LYS B 227 1.36 -23.89 40.43
CA LYS B 227 0.14 -24.46 41.00
C LYS B 227 -0.45 -23.44 41.96
N ASN B 228 0.42 -22.71 42.64
CA ASN B 228 0.00 -21.68 43.57
C ASN B 228 -0.69 -20.50 42.86
N LYS B 229 -0.03 -19.93 41.85
CA LYS B 229 -0.64 -18.84 41.09
C LYS B 229 -2.01 -19.30 40.60
N MET B 230 -2.08 -20.56 40.15
CA MET B 230 -3.32 -21.10 39.64
C MET B 230 -4.42 -21.04 40.70
N SER B 231 -4.06 -21.37 41.95
CA SER B 231 -5.06 -21.37 43.01
C SER B 231 -5.48 -19.95 43.38
N GLU B 232 -4.66 -18.96 43.00
CA GLU B 232 -5.01 -17.55 43.14
C GLU B 232 -6.01 -17.13 42.08
N SER B 233 -6.45 -18.07 41.26
CA SER B 233 -7.33 -17.75 40.14
C SER B 233 -8.80 -17.79 40.55
N PRO B 234 -9.56 -16.74 40.21
CA PRO B 234 -10.99 -16.63 40.48
C PRO B 234 -11.81 -17.80 39.94
N ASN B 235 -11.16 -18.67 39.17
CA ASN B 235 -11.78 -19.89 38.64
C ASN B 235 -13.26 -19.76 38.26
N LYS B 236 -13.63 -18.59 37.72
CA LYS B 236 -15.01 -18.35 37.30
C LYS B 236 -15.07 -17.18 36.31
N THR B 237 -16.17 -17.10 35.56
CA THR B 237 -16.33 -16.05 34.56
C THR B 237 -16.08 -14.67 35.16
N VAL B 238 -14.99 -14.03 34.74
CA VAL B 238 -14.68 -12.66 35.17
C VAL B 238 -14.60 -11.77 33.94
N SER B 239 -14.43 -10.47 34.14
CA SER B 239 -14.33 -9.53 33.03
C SER B 239 -13.05 -9.77 32.24
N GLU B 240 -13.09 -9.43 30.96
CA GLU B 240 -11.93 -9.57 30.08
C GLU B 240 -10.70 -8.81 30.61
N GLU B 241 -10.90 -7.58 31.09
CA GLU B 241 -9.78 -6.78 31.59
C GLU B 241 -9.17 -7.37 32.86
N LYS B 242 -9.95 -8.20 33.55
CA LYS B 242 -9.48 -8.84 34.79
C LYS B 242 -8.75 -10.14 34.49
N ALA B 243 -9.35 -10.98 33.65
CA ALA B 243 -8.70 -12.20 33.22
C ALA B 243 -7.32 -11.89 32.65
N LYS B 244 -7.24 -10.85 31.83
CA LYS B 244 -5.96 -10.44 31.24
C LYS B 244 -4.94 -10.17 32.32
N GLN B 245 -5.37 -9.45 33.36
CA GLN B 245 -4.46 -9.07 34.44
C GLN B 245 -3.93 -10.31 35.15
N TYR B 246 -4.84 -11.22 35.50
CA TYR B 246 -4.41 -12.50 36.07
C TYR B 246 -3.44 -13.24 35.17
N LEU B 247 -3.79 -13.37 33.89
CA LEU B 247 -2.97 -14.10 32.91
C LEU B 247 -1.59 -13.48 32.72
N GLU B 248 -1.52 -12.16 32.81
CA GLU B 248 -0.22 -11.49 32.76
C GLU B 248 0.61 -11.88 33.97
N GLU B 249 -0.07 -12.07 35.10
CA GLU B 249 0.61 -12.55 36.30
C GLU B 249 1.02 -14.01 36.16
N PHE B 250 0.09 -14.84 35.71
CA PHE B 250 0.42 -16.24 35.42
C PHE B 250 1.62 -16.36 34.45
N HIS B 251 1.56 -15.61 33.37
CA HIS B 251 2.64 -15.60 32.38
C HIS B 251 3.98 -15.27 33.05
N GLN B 252 4.04 -14.14 33.74
CA GLN B 252 5.25 -13.72 34.42
C GLN B 252 5.75 -14.81 35.37
N THR B 253 4.82 -15.38 36.14
CA THR B 253 5.17 -16.45 37.07
C THR B 253 5.66 -17.68 36.33
N ALA B 254 4.97 -18.06 35.25
CA ALA B 254 5.32 -19.27 34.51
C ALA B 254 6.64 -19.14 33.78
N LEU B 255 6.97 -17.93 33.34
CA LEU B 255 8.17 -17.70 32.54
C LEU B 255 9.47 -17.84 33.33
N GLU B 256 9.34 -18.01 34.65
CA GLU B 256 10.50 -18.20 35.52
C GLU B 256 10.90 -19.66 35.67
N HIS B 257 10.12 -20.55 35.06
CA HIS B 257 10.42 -21.97 35.09
C HIS B 257 11.66 -22.24 34.23
N PRO B 258 12.60 -23.04 34.75
CA PRO B 258 13.84 -23.43 34.03
C PRO B 258 13.57 -23.97 32.62
N GLU B 259 12.40 -24.57 32.42
CA GLU B 259 12.05 -25.16 31.12
C GLU B 259 11.67 -24.10 30.08
N LEU B 260 11.46 -22.87 30.53
CA LEU B 260 11.13 -21.78 29.63
C LEU B 260 12.18 -20.67 29.69
N SER B 261 13.37 -21.00 30.18
CA SER B 261 14.35 -19.94 30.42
C SER B 261 14.85 -19.32 29.12
N GLU B 262 15.12 -20.14 28.10
CA GLU B 262 15.49 -19.60 26.81
C GLU B 262 14.43 -18.63 26.30
N LEU B 263 13.17 -19.03 26.43
CA LEU B 263 12.06 -18.20 25.99
C LEU B 263 12.01 -16.88 26.76
N LYS B 264 12.36 -16.93 28.05
CA LYS B 264 12.41 -15.72 28.87
C LYS B 264 13.39 -14.70 28.28
N THR B 265 14.49 -15.18 27.74
CA THR B 265 15.49 -14.30 27.15
C THR B 265 15.05 -13.79 25.78
N VAL B 266 14.61 -14.67 24.90
CA VAL B 266 14.30 -14.25 23.53
C VAL B 266 13.07 -13.36 23.45
N THR B 267 12.15 -13.48 24.40
CA THR B 267 10.97 -12.60 24.42
C THR B 267 11.18 -11.35 25.26
N GLY B 268 12.42 -11.11 25.67
CA GLY B 268 12.70 -10.10 26.67
C GLY B 268 12.63 -8.67 26.18
N THR B 269 12.88 -8.45 24.90
CA THR B 269 12.97 -7.08 24.42
C THR B 269 11.85 -6.67 23.45
N ASN B 270 11.50 -7.54 22.51
CA ASN B 270 10.50 -7.20 21.50
C ASN B 270 9.08 -7.13 22.11
N PRO B 271 8.43 -5.97 21.98
CA PRO B 271 7.11 -5.73 22.56
C PRO B 271 6.07 -6.74 22.08
N VAL B 272 6.23 -7.25 20.85
CA VAL B 272 5.30 -8.22 20.32
C VAL B 272 5.29 -9.51 21.16
N PHE B 273 6.41 -9.80 21.82
CA PHE B 273 6.59 -11.08 22.52
C PHE B 273 6.29 -11.01 24.03
N ALA B 274 5.63 -9.95 24.48
CA ALA B 274 5.46 -9.72 25.92
C ALA B 274 4.24 -10.42 26.52
N GLY B 275 4.28 -10.66 27.82
CA GLY B 275 3.20 -11.33 28.50
C GLY B 275 1.83 -10.81 28.13
N ALA B 276 1.70 -9.49 28.05
CA ALA B 276 0.41 -8.90 27.70
C ALA B 276 -0.15 -9.49 26.40
N ASN B 277 0.72 -9.76 25.44
CA ASN B 277 0.27 -10.34 24.17
C ASN B 277 -0.06 -11.83 24.23
N TYR B 278 0.65 -12.57 25.09
CA TYR B 278 0.28 -13.96 25.35
C TYR B 278 -1.09 -14.00 26.03
N ALA B 279 -1.31 -13.04 26.92
CA ALA B 279 -2.55 -12.97 27.68
C ALA B 279 -3.69 -12.65 26.73
N ALA B 280 -3.48 -11.65 25.88
CA ALA B 280 -4.50 -11.26 24.94
C ALA B 280 -4.80 -12.44 24.03
N TRP B 281 -3.76 -13.18 23.67
CA TRP B 281 -3.94 -14.35 22.82
C TRP B 281 -4.81 -15.42 23.53
N ALA B 282 -4.42 -15.81 24.75
CA ALA B 282 -5.14 -16.83 25.49
C ALA B 282 -6.60 -16.44 25.69
N VAL B 283 -6.82 -15.21 26.14
CA VAL B 283 -8.17 -14.70 26.35
C VAL B 283 -8.99 -14.85 25.09
N ASN B 284 -8.40 -14.44 23.97
CA ASN B 284 -9.04 -14.54 22.66
C ASN B 284 -9.41 -15.98 22.30
N VAL B 285 -8.50 -16.91 22.53
CA VAL B 285 -8.77 -18.31 22.22
C VAL B 285 -9.92 -18.76 23.10
N ALA B 286 -9.77 -18.60 24.40
CA ALA B 286 -10.83 -18.99 25.34
C ALA B 286 -12.21 -18.53 24.87
N GLN B 287 -12.29 -17.32 24.30
CA GLN B 287 -13.57 -16.75 23.90
C GLN B 287 -14.25 -17.41 22.71
N VAL B 288 -13.47 -18.01 21.81
CA VAL B 288 -14.05 -18.51 20.57
C VAL B 288 -14.23 -20.03 20.56
N ILE B 289 -13.62 -20.73 21.49
CA ILE B 289 -13.71 -22.18 21.48
C ILE B 289 -14.85 -22.73 22.33
N ASP B 290 -15.92 -23.21 21.69
CA ASP B 290 -16.99 -23.88 22.43
C ASP B 290 -16.68 -25.37 22.48
N SER B 291 -17.65 -26.18 22.91
CA SER B 291 -17.44 -27.61 23.08
C SER B 291 -17.47 -28.36 21.77
N GLU B 292 -18.42 -28.02 20.92
CA GLU B 292 -18.52 -28.60 19.60
C GLU B 292 -17.20 -28.35 18.83
N THR B 293 -16.71 -27.11 18.89
CA THR B 293 -15.46 -26.74 18.26
C THR B 293 -14.27 -27.45 18.90
N ALA B 294 -14.21 -27.44 20.22
CA ALA B 294 -13.07 -28.01 20.95
C ALA B 294 -12.86 -29.45 20.53
N ASP B 295 -13.96 -30.13 20.21
CA ASP B 295 -13.95 -31.56 19.97
C ASP B 295 -13.62 -31.97 18.53
N ASN B 296 -13.31 -31.00 17.67
CA ASN B 296 -13.01 -31.30 16.28
C ASN B 296 -11.84 -30.43 15.80
N LEU B 297 -10.82 -31.06 15.23
CA LEU B 297 -9.58 -30.37 14.88
C LEU B 297 -9.76 -29.41 13.71
N GLU B 298 -10.59 -29.79 12.74
CA GLU B 298 -10.86 -28.94 11.60
C GLU B 298 -11.54 -27.68 12.10
N LYS B 299 -12.60 -27.86 12.88
CA LYS B 299 -13.34 -26.71 13.40
C LYS B 299 -12.47 -25.87 14.34
N THR B 300 -11.57 -26.51 15.08
CA THR B 300 -10.72 -25.77 15.98
C THR B 300 -9.76 -24.92 15.16
N THR B 301 -9.19 -25.49 14.12
CA THR B 301 -8.27 -24.75 13.24
C THR B 301 -8.97 -23.60 12.54
N ALA B 302 -10.13 -23.86 11.96
CA ALA B 302 -10.91 -22.77 11.37
C ALA B 302 -11.08 -21.61 12.34
N ALA B 303 -11.49 -21.92 13.57
CA ALA B 303 -11.66 -20.86 14.57
C ALA B 303 -10.35 -20.21 14.99
N LEU B 304 -9.27 -20.96 15.16
CA LEU B 304 -8.02 -20.31 15.60
C LEU B 304 -7.43 -19.44 14.49
N SER B 305 -7.59 -19.90 13.26
CA SER B 305 -6.94 -19.30 12.11
C SER B 305 -7.36 -17.87 11.82
N ILE B 306 -8.48 -17.42 12.40
CA ILE B 306 -8.97 -16.09 12.09
C ILE B 306 -8.69 -15.08 13.21
N LEU B 307 -7.92 -15.50 14.20
CA LEU B 307 -7.63 -14.64 15.34
C LEU B 307 -6.40 -13.80 15.05
N PRO B 308 -6.34 -12.57 15.60
CA PRO B 308 -5.14 -11.73 15.45
C PRO B 308 -4.16 -12.07 16.56
N GLY B 309 -2.94 -11.54 16.50
CA GLY B 309 -2.01 -11.71 17.61
C GLY B 309 -1.24 -13.02 17.63
N ILE B 310 -1.42 -13.88 16.64
CA ILE B 310 -0.73 -15.18 16.68
C ILE B 310 0.79 -15.01 16.56
N GLY B 311 1.23 -13.87 16.03
CA GLY B 311 2.65 -13.60 15.86
C GLY B 311 3.38 -13.61 17.20
N SER B 312 2.64 -13.30 18.27
CA SER B 312 3.23 -13.20 19.60
C SER B 312 3.64 -14.58 20.10
N VAL B 313 2.85 -15.60 19.78
CA VAL B 313 3.15 -16.97 20.17
C VAL B 313 4.18 -17.61 19.26
N MET B 314 4.06 -17.32 17.98
CA MET B 314 5.00 -17.84 16.98
C MET B 314 6.35 -17.18 17.07
N GLY B 315 6.41 -15.98 17.64
CA GLY B 315 7.66 -15.25 17.73
C GLY B 315 8.04 -14.75 16.35
N ILE B 316 7.02 -14.25 15.65
CA ILE B 316 7.19 -13.69 14.32
C ILE B 316 6.90 -12.20 14.31
N ALA B 317 7.92 -11.41 14.00
CA ALA B 317 7.77 -9.97 13.96
C ALA B 317 8.81 -9.34 13.03
N ASP B 318 8.51 -8.16 12.50
CA ASP B 318 9.48 -7.40 11.71
C ASP B 318 10.04 -8.16 10.51
N GLY B 319 9.27 -9.11 9.98
CA GLY B 319 9.71 -9.80 8.77
C GLY B 319 10.63 -11.00 8.99
N ALA B 320 10.83 -11.40 10.26
CA ALA B 320 11.65 -12.56 10.57
C ALA B 320 10.93 -13.54 11.47
N VAL B 321 11.29 -14.80 11.34
CA VAL B 321 10.85 -15.80 12.29
C VAL B 321 11.92 -15.98 13.36
N HIS B 322 11.73 -15.37 14.52
CA HIS B 322 12.71 -15.39 15.61
C HIS B 322 12.76 -16.74 16.35
N HIS B 323 11.59 -17.31 16.62
CA HIS B 323 11.50 -18.62 17.26
C HIS B 323 11.78 -19.70 16.21
N ASN B 324 13.05 -20.05 16.07
CA ASN B 324 13.46 -20.85 14.93
C ASN B 324 14.32 -22.03 15.31
N THR B 325 14.24 -22.44 16.57
CA THR B 325 14.79 -23.73 16.98
C THR B 325 13.68 -24.54 17.65
N GLU B 326 13.80 -25.86 17.61
CA GLU B 326 12.81 -26.75 18.22
C GLU B 326 12.58 -26.41 19.70
N GLU B 327 13.64 -26.15 20.43
CA GLU B 327 13.51 -25.86 21.86
C GLU B 327 12.65 -24.62 22.16
N ILE B 328 12.92 -23.54 21.44
CA ILE B 328 12.21 -22.29 21.69
C ILE B 328 10.75 -22.34 21.24
N VAL B 329 10.51 -22.96 20.07
CA VAL B 329 9.14 -23.16 19.60
C VAL B 329 8.33 -23.97 20.62
N ALA B 330 8.90 -25.06 21.13
CA ALA B 330 8.19 -25.90 22.10
C ALA B 330 7.90 -25.17 23.41
N GLN B 331 8.85 -24.37 23.87
CA GLN B 331 8.61 -23.56 25.04
C GLN B 331 7.45 -22.60 24.83
N SER B 332 7.44 -21.90 23.70
CA SER B 332 6.39 -20.91 23.46
C SER B 332 5.01 -21.55 23.37
N ILE B 333 4.97 -22.74 22.77
CA ILE B 333 3.71 -23.47 22.63
C ILE B 333 3.22 -24.02 23.98
N ALA B 334 4.15 -24.52 24.81
CA ALA B 334 3.81 -24.99 26.15
C ALA B 334 3.21 -23.87 26.97
N LEU B 335 3.87 -22.72 26.96
CA LEU B 335 3.43 -21.57 27.72
C LEU B 335 2.03 -21.19 27.28
N SER B 336 1.87 -20.98 25.97
CA SER B 336 0.59 -20.63 25.40
C SER B 336 -0.52 -21.59 25.85
N SER B 337 -0.22 -22.89 25.84
CA SER B 337 -1.16 -23.96 26.23
C SER B 337 -1.61 -23.85 27.68
N LEU B 338 -0.66 -23.66 28.58
CA LEU B 338 -0.99 -23.50 30.00
C LEU B 338 -1.84 -22.25 30.17
N MET B 339 -1.53 -21.24 29.36
CA MET B 339 -2.26 -19.99 29.49
C MET B 339 -3.69 -20.14 28.96
N VAL B 340 -3.86 -20.90 27.89
CA VAL B 340 -5.21 -21.13 27.39
C VAL B 340 -6.00 -21.93 28.40
N ALA B 341 -5.32 -22.83 29.09
CA ALA B 341 -5.94 -23.59 30.18
C ALA B 341 -6.49 -22.64 31.23
N GLN B 342 -5.69 -21.66 31.65
CA GLN B 342 -6.10 -20.73 32.70
C GLN B 342 -7.27 -19.86 32.28
N ALA B 343 -7.22 -19.37 31.05
CA ALA B 343 -8.19 -18.41 30.56
C ALA B 343 -9.58 -19.02 30.33
N ILE B 344 -9.62 -20.31 30.07
CA ILE B 344 -10.89 -20.97 29.79
C ILE B 344 -11.93 -20.82 30.90
N PRO B 345 -11.59 -21.18 32.14
CA PRO B 345 -12.61 -20.99 33.19
C PRO B 345 -12.95 -19.51 33.39
N LEU B 346 -12.08 -18.62 32.92
CA LEU B 346 -12.22 -17.18 33.13
C LEU B 346 -13.08 -16.45 32.10
N VAL B 347 -13.00 -16.92 30.84
CA VAL B 347 -13.76 -16.30 29.75
C VAL B 347 -14.28 -17.36 28.79
N GLY B 348 -14.06 -18.63 29.10
CA GLY B 348 -14.41 -19.71 28.20
C GLY B 348 -15.71 -20.41 28.50
N GLU B 349 -16.27 -21.07 27.48
CA GLU B 349 -17.50 -21.81 27.62
C GLU B 349 -17.20 -23.23 28.02
N LEU B 350 -15.95 -23.63 27.85
CA LEU B 350 -15.56 -25.02 28.10
C LEU B 350 -15.55 -25.34 29.58
N VAL B 351 -16.41 -26.28 29.97
CA VAL B 351 -16.39 -26.77 31.34
C VAL B 351 -14.99 -27.29 31.61
N GLY B 354 -9.21 -29.94 28.65
CA GLY B 354 -8.14 -30.71 28.05
C GLY B 354 -7.87 -30.22 26.65
N PHE B 355 -8.82 -29.45 26.11
CA PHE B 355 -8.65 -28.81 24.83
C PHE B 355 -7.29 -28.16 24.75
N ALA B 356 -6.88 -27.53 25.85
CA ALA B 356 -5.65 -26.76 25.86
C ALA B 356 -4.44 -27.61 25.55
N ALA B 357 -4.48 -28.86 26.01
CA ALA B 357 -3.35 -29.76 25.81
C ALA B 357 -3.53 -30.71 24.63
N TYR B 358 -4.73 -30.74 24.05
CA TYR B 358 -4.98 -31.63 22.91
C TYR B 358 -5.16 -30.83 21.61
N ASN B 359 -6.41 -30.56 21.22
CA ASN B 359 -6.67 -29.92 19.93
C ASN B 359 -6.08 -28.54 19.78
N PHE B 360 -5.92 -27.80 20.88
CA PHE B 360 -5.28 -26.49 20.79
C PHE B 360 -3.82 -26.64 20.38
N VAL B 361 -3.14 -27.65 20.92
CA VAL B 361 -1.75 -27.89 20.55
C VAL B 361 -1.66 -28.37 19.10
N GLU B 362 -2.48 -29.35 18.75
CA GLU B 362 -2.45 -29.91 17.40
C GLU B 362 -2.73 -28.82 16.38
N SER B 363 -3.73 -28.01 16.67
CA SER B 363 -4.12 -26.97 15.71
C SER B 363 -3.06 -25.87 15.59
N ILE B 364 -2.54 -25.39 16.71
CA ILE B 364 -1.61 -24.30 16.62
C ILE B 364 -0.34 -24.78 15.90
N ILE B 365 0.03 -26.05 16.11
CA ILE B 365 1.18 -26.62 15.41
C ILE B 365 1.00 -26.47 13.89
N ASN B 366 -0.21 -26.73 13.42
CA ASN B 366 -0.55 -26.56 12.01
C ASN B 366 -0.35 -25.12 11.54
N LEU B 367 -0.83 -24.17 12.32
CA LEU B 367 -0.68 -22.76 11.94
C LEU B 367 0.80 -22.31 11.93
N PHE B 368 1.62 -22.86 12.82
CA PHE B 368 3.06 -22.57 12.80
C PHE B 368 3.61 -22.95 11.43
N GLN B 369 3.23 -24.16 11.00
CA GLN B 369 3.74 -24.77 9.77
C GLN B 369 3.31 -24.00 8.53
N VAL B 370 2.06 -23.56 8.52
CA VAL B 370 1.57 -22.73 7.42
C VAL B 370 2.42 -21.46 7.28
N VAL B 371 2.61 -20.76 8.39
CA VAL B 371 3.32 -19.47 8.37
C VAL B 371 4.82 -19.64 8.10
N HIS B 372 5.43 -20.65 8.72
CA HIS B 372 6.82 -21.01 8.40
C HIS B 372 6.98 -21.26 6.90
N ASN B 373 6.05 -22.01 6.31
CA ASN B 373 6.12 -22.28 4.86
C ASN B 373 6.11 -20.99 4.03
N SER B 374 5.25 -20.06 4.42
CA SER B 374 5.20 -18.74 3.79
C SER B 374 6.58 -18.04 3.82
N TYR B 375 7.25 -18.08 4.97
CA TYR B 375 8.49 -17.35 5.13
C TYR B 375 9.62 -18.08 4.43
N ASN B 376 9.46 -19.39 4.23
CA ASN B 376 10.39 -20.19 3.44
C ASN B 376 10.32 -19.92 1.93
N ARG B 377 9.16 -19.47 1.44
CA ARG B 377 9.01 -19.21 0.00
C ARG B 377 9.69 -17.91 -0.44
N PRO B 378 10.30 -17.91 -1.63
CA PRO B 378 10.87 -16.66 -2.16
C PRO B 378 9.80 -15.58 -2.31
N ALA B 379 10.07 -14.41 -1.74
CA ALA B 379 9.09 -13.35 -1.69
C ALA B 379 9.81 -12.01 -1.68
N TYR B 380 9.19 -10.97 -2.23
CA TYR B 380 9.73 -9.61 -2.13
C TYR B 380 9.41 -8.91 -0.81
N SER B 381 10.45 -8.38 -0.16
CA SER B 381 10.32 -7.62 1.07
C SER B 381 9.64 -6.27 0.84
N PRO B 382 9.16 -5.63 1.93
CA PRO B 382 8.49 -4.33 1.81
C PRO B 382 9.44 -3.31 1.15
N GLY B 383 8.93 -2.58 0.16
CA GLY B 383 9.73 -1.53 -0.48
C GLY B 383 10.53 -2.06 -1.65
N HIS B 384 10.44 -3.36 -1.91
CA HIS B 384 11.09 -3.98 -3.05
C HIS B 384 10.05 -4.21 -4.12
N LYS B 385 10.43 -4.01 -5.38
CA LYS B 385 9.49 -4.14 -6.50
C LYS B 385 8.27 -3.29 -6.20
N THR B 386 7.08 -3.86 -6.32
CA THR B 386 5.89 -3.10 -5.99
C THR B 386 5.26 -3.47 -4.63
N GLN B 387 5.99 -4.18 -3.77
CA GLN B 387 5.49 -4.42 -2.40
C GLN B 387 5.59 -3.15 -1.56
N PRO B 388 4.46 -2.76 -0.94
CA PRO B 388 4.47 -1.52 -0.16
C PRO B 388 5.41 -1.58 1.06
N PHE B 389 5.94 -0.43 1.46
CA PHE B 389 6.71 -0.27 2.69
C PHE B 389 5.74 0.42 3.64
N LEU B 390 5.51 -0.17 4.82
CA LEU B 390 4.39 0.22 5.69
C LEU B 390 4.93 0.61 7.06
N HIS B 391 4.81 1.88 7.44
CA HIS B 391 5.55 2.40 8.60
C HIS B 391 5.02 3.77 9.06
N ASP B 392 4.96 3.97 10.37
CA ASP B 392 4.48 5.21 10.97
C ASP B 392 3.20 5.77 10.38
N GLY B 393 2.33 4.91 9.87
CA GLY B 393 1.11 5.41 9.26
C GLY B 393 1.20 5.63 7.75
N TYR B 394 2.40 5.66 7.19
CA TYR B 394 2.56 5.83 5.74
C TYR B 394 2.50 4.50 5.00
N ALA B 395 2.02 4.52 3.75
CA ALA B 395 2.30 3.46 2.78
C ALA B 395 2.99 4.02 1.53
N VAL B 396 4.16 3.48 1.19
CA VAL B 396 4.84 3.91 -0.04
C VAL B 396 5.22 2.70 -0.90
N SER B 397 5.27 2.88 -2.22
CA SER B 397 5.68 1.79 -3.10
C SER B 397 6.14 2.32 -4.44
N TRP B 398 7.07 1.59 -5.07
CA TRP B 398 7.38 1.86 -6.45
C TRP B 398 6.11 1.66 -7.25
N ASN B 399 5.83 2.55 -8.18
CA ASN B 399 4.61 2.48 -8.98
C ASN B 399 4.49 1.22 -9.84
N THR B 400 5.61 0.81 -10.45
CA THR B 400 5.69 -0.39 -11.25
C THR B 400 7.07 -0.99 -11.01
N VAL B 401 7.23 -2.24 -11.40
CA VAL B 401 8.50 -2.94 -11.28
C VAL B 401 9.66 -2.18 -11.94
N GLU B 402 9.42 -1.71 -13.17
CA GLU B 402 10.45 -0.98 -13.90
C GLU B 402 10.97 0.25 -13.13
N ASP B 403 10.08 0.91 -12.40
CA ASP B 403 10.47 2.11 -11.65
C ASP B 403 11.56 1.74 -10.66
N SER B 404 11.47 0.53 -10.12
CA SER B 404 12.39 0.10 -9.06
C SER B 404 13.72 -0.30 -9.62
N ILE B 405 13.85 -0.22 -10.95
CA ILE B 405 15.09 -0.59 -11.58
C ILE B 405 15.80 0.66 -12.04
N ILE B 406 17.07 0.80 -11.66
CA ILE B 406 17.87 1.91 -12.16
C ILE B 406 18.82 1.36 -13.22
N ARG B 407 18.50 1.62 -14.48
CA ARG B 407 19.33 1.16 -15.58
C ARG B 407 20.59 1.99 -15.66
N THR B 408 21.70 1.35 -16.04
CA THR B 408 22.99 2.02 -16.09
C THR B 408 23.71 1.69 -17.38
N GLY B 409 24.84 2.35 -17.64
CA GLY B 409 25.64 2.04 -18.81
C GLY B 409 25.17 2.75 -20.05
N PHE B 410 24.46 3.85 -19.89
CA PHE B 410 24.14 4.68 -21.04
C PHE B 410 24.07 6.13 -20.61
N GLN B 411 24.20 7.05 -21.57
CA GLN B 411 24.00 8.47 -21.32
C GLN B 411 22.53 8.81 -21.50
N GLY B 412 21.97 9.59 -20.58
CA GLY B 412 20.61 10.06 -20.74
C GLY B 412 19.72 9.98 -19.52
N GLU B 413 18.42 10.08 -19.74
CA GLU B 413 17.49 10.28 -18.65
C GLU B 413 16.73 9.01 -18.28
N SER B 414 16.23 8.99 -17.05
CA SER B 414 15.25 7.99 -16.62
C SER B 414 14.40 8.60 -15.51
N GLY B 415 13.15 8.15 -15.39
CA GLY B 415 12.26 8.70 -14.39
C GLY B 415 11.74 7.57 -13.54
N HIS B 416 11.53 7.81 -12.25
CA HIS B 416 11.08 6.77 -11.34
C HIS B 416 9.95 7.28 -10.46
N ASP B 417 8.81 6.59 -10.49
CA ASP B 417 7.62 7.00 -9.77
C ASP B 417 7.40 6.18 -8.51
N ILE B 418 7.25 6.89 -7.40
CA ILE B 418 6.93 6.33 -6.09
C ILE B 418 5.56 6.81 -5.54
N LYS B 419 4.67 5.88 -5.25
CA LYS B 419 3.36 6.19 -4.63
C LYS B 419 3.49 6.43 -3.14
N ILE B 420 2.83 7.47 -2.63
CA ILE B 420 2.89 7.79 -1.21
C ILE B 420 1.50 8.15 -0.70
N THR B 421 1.09 7.52 0.38
CA THR B 421 -0.09 8.04 1.08
C THR B 421 0.05 7.74 2.57
N ALA B 422 -0.96 8.09 3.35
CA ALA B 422 -0.97 7.79 4.78
C ALA B 422 -2.36 7.29 5.14
N GLU B 423 -2.48 6.63 6.29
CA GLU B 423 -3.70 5.91 6.61
CA GLU B 423 -3.69 5.90 6.65
C GLU B 423 -4.87 6.80 6.99
N ASN B 424 -4.61 7.87 7.72
CA ASN B 424 -5.69 8.69 8.27
C ASN B 424 -5.45 10.21 8.22
N THR B 425 -4.97 10.81 9.32
CA THR B 425 -4.73 12.25 9.37
C THR B 425 -3.55 12.63 8.46
N PRO B 426 -3.43 13.94 8.15
CA PRO B 426 -2.43 14.39 7.16
C PRO B 426 -1.03 14.31 7.76
N LEU B 427 -0.16 13.54 7.14
CA LEU B 427 1.22 13.40 7.59
C LEU B 427 2.14 14.02 6.53
N PRO B 428 3.19 14.70 6.97
CA PRO B 428 4.06 15.36 6.01
C PRO B 428 5.11 14.46 5.37
N ILE B 429 5.59 14.92 4.21
CA ILE B 429 6.76 14.37 3.58
C ILE B 429 7.82 15.49 3.56
N ALA B 430 8.84 15.35 4.39
CA ALA B 430 9.86 16.38 4.55
C ALA B 430 10.72 16.43 3.29
N GLY B 431 10.94 15.26 2.69
CA GLY B 431 11.74 15.20 1.47
C GLY B 431 12.23 13.82 1.14
N VAL B 432 13.33 13.76 0.41
CA VAL B 432 13.82 12.49 -0.08
C VAL B 432 15.34 12.47 -0.28
N LEU B 433 15.95 11.38 0.19
CA LEU B 433 17.40 11.13 0.07
C LEU B 433 17.63 10.23 -1.12
N LEU B 434 18.45 10.70 -2.07
CA LEU B 434 18.71 10.00 -3.31
C LEU B 434 20.21 9.68 -3.45
N PRO B 435 20.54 8.46 -3.86
CA PRO B 435 21.96 8.14 -4.04
C PRO B 435 22.47 8.84 -5.29
N THR B 436 23.74 9.25 -5.30
CA THR B 436 24.29 9.91 -6.47
C THR B 436 25.70 9.40 -6.73
N ILE B 437 26.07 9.35 -8.00
CA ILE B 437 27.43 9.04 -8.41
C ILE B 437 27.78 10.02 -9.52
N PRO B 438 28.87 10.77 -9.36
CA PRO B 438 29.18 11.81 -10.35
C PRO B 438 29.19 11.23 -11.77
N GLY B 439 28.40 11.81 -12.66
CA GLY B 439 28.38 11.35 -14.04
C GLY B 439 27.50 10.14 -14.34
N LYS B 440 27.48 9.17 -13.43
CA LYS B 440 26.74 7.93 -13.65
C LYS B 440 25.29 8.02 -13.16
N LEU B 441 25.07 8.82 -12.12
CA LEU B 441 23.73 9.01 -11.57
C LEU B 441 23.62 10.36 -10.88
N ASP B 442 23.22 11.39 -11.63
CA ASP B 442 22.91 12.67 -11.00
C ASP B 442 21.39 12.89 -10.93
N VAL B 443 20.94 13.71 -9.99
CA VAL B 443 19.54 14.06 -9.89
C VAL B 443 19.25 15.16 -10.90
N ASN B 444 18.23 14.97 -11.73
CA ASN B 444 17.79 16.05 -12.59
C ASN B 444 16.86 16.94 -11.77
N LYS B 445 17.40 18.09 -11.38
CA LYS B 445 16.75 19.00 -10.45
C LYS B 445 15.46 19.61 -10.96
N SER B 446 15.31 19.68 -12.28
CA SER B 446 14.14 20.33 -12.85
C SER B 446 13.04 19.36 -13.29
N LYS B 447 13.35 18.07 -13.39
CA LYS B 447 12.29 17.10 -13.69
C LYS B 447 11.83 16.32 -12.47
N THR B 448 12.63 16.36 -11.42
CA THR B 448 12.26 15.71 -10.17
C THR B 448 11.17 16.55 -9.54
N HIS B 449 10.10 15.91 -9.10
CA HIS B 449 9.03 16.68 -8.47
C HIS B 449 8.16 15.76 -7.66
N ILE B 450 7.19 16.35 -6.98
CA ILE B 450 6.24 15.55 -6.26
C ILE B 450 4.85 16.11 -6.51
N SER B 451 3.96 15.25 -6.96
CA SER B 451 2.59 15.60 -7.31
C SER B 451 1.63 15.18 -6.20
N VAL B 452 0.88 16.13 -5.62
CA VAL B 452 -0.05 15.86 -4.52
C VAL B 452 -1.50 16.05 -4.95
N ASN B 453 -2.25 14.95 -5.10
CA ASN B 453 -3.55 14.99 -5.76
C ASN B 453 -3.51 15.82 -7.05
N GLY B 454 -2.47 15.65 -7.86
CA GLY B 454 -2.33 16.41 -9.09
C GLY B 454 -1.66 17.78 -8.98
N ARG B 455 -1.40 18.27 -7.78
CA ARG B 455 -0.68 19.53 -7.67
C ARG B 455 0.82 19.24 -7.82
N LYS B 456 1.44 19.74 -8.89
CA LYS B 456 2.85 19.43 -9.13
C LYS B 456 3.76 20.35 -8.34
N ILE B 457 4.57 19.79 -7.47
CA ILE B 457 5.38 20.57 -6.56
C ILE B 457 6.84 20.38 -6.86
N ARG B 458 7.51 21.41 -7.36
CA ARG B 458 8.91 21.27 -7.73
C ARG B 458 9.72 21.13 -6.46
N MET B 459 10.98 20.70 -6.59
CA MET B 459 11.82 20.45 -5.44
C MET B 459 13.13 21.24 -5.43
N ARG B 460 13.71 21.34 -4.24
CA ARG B 460 14.99 22.01 -4.06
C ARG B 460 15.98 20.96 -3.57
N CYS B 461 16.94 20.61 -4.43
CA CYS B 461 17.88 19.53 -4.14
C CYS B 461 19.27 20.03 -3.89
N ARG B 462 19.85 19.55 -2.81
CA ARG B 462 21.23 19.88 -2.49
C ARG B 462 21.99 18.61 -2.07
N ALA B 463 23.23 18.53 -2.54
CA ALA B 463 24.10 17.42 -2.18
C ALA B 463 24.48 17.52 -0.73
N ILE B 464 24.63 16.38 -0.09
CA ILE B 464 25.16 16.29 1.26
C ILE B 464 26.49 15.57 1.14
N ASP B 465 26.49 14.31 1.58
CA ASP B 465 27.62 13.39 1.49
C ASP B 465 28.38 13.38 0.15
N GLY B 466 27.69 13.70 -0.94
CA GLY B 466 28.22 13.58 -2.31
C GLY B 466 27.95 12.18 -2.84
N ASP B 467 27.48 11.32 -1.95
CA ASP B 467 26.91 10.06 -2.35
C ASP B 467 25.41 10.16 -2.12
N VAL B 468 24.99 11.27 -1.53
CA VAL B 468 23.59 11.48 -1.23
C VAL B 468 23.15 12.93 -1.50
N THR B 469 22.01 13.06 -2.15
CA THR B 469 21.39 14.35 -2.38
C THR B 469 20.07 14.38 -1.62
N PHE B 470 19.74 15.53 -1.06
CA PHE B 470 18.48 15.66 -0.34
C PHE B 470 17.59 16.61 -1.11
N CYS B 471 16.40 16.13 -1.46
CA CYS B 471 15.43 16.97 -2.16
C CYS B 471 14.27 17.29 -1.22
N ARG B 472 14.06 18.59 -0.97
CA ARG B 472 12.90 19.06 -0.20
C ARG B 472 11.91 19.71 -1.16
N PRO B 473 10.60 19.53 -0.91
CA PRO B 473 9.57 20.15 -1.75
C PRO B 473 9.44 21.65 -1.51
N LYS B 474 9.13 22.43 -2.54
CA LYS B 474 8.98 23.88 -2.41
C LYS B 474 7.55 24.31 -2.04
N SER B 475 6.70 23.35 -1.70
CA SER B 475 5.40 23.61 -1.07
C SER B 475 5.19 22.50 -0.05
N PRO B 476 4.57 22.82 1.10
CA PRO B 476 4.43 21.72 2.05
C PRO B 476 3.68 20.51 1.45
N VAL B 477 4.18 19.32 1.71
CA VAL B 477 3.52 18.08 1.27
C VAL B 477 2.88 17.37 2.45
N TYR B 478 1.60 17.04 2.32
CA TYR B 478 0.91 16.20 3.30
C TYR B 478 0.16 15.10 2.58
N VAL B 479 0.12 13.91 3.18
CA VAL B 479 -0.67 12.83 2.61
C VAL B 479 -1.57 12.31 3.71
N GLY B 480 -2.63 11.61 3.33
CA GLY B 480 -3.55 11.07 4.31
C GLY B 480 -4.73 10.44 3.60
N ASN B 481 -5.73 10.01 4.36
CA ASN B 481 -6.89 9.40 3.74
C ASN B 481 -7.44 10.41 2.73
N GLY B 482 -7.46 10.03 1.45
CA GLY B 482 -7.95 10.91 0.41
C GLY B 482 -6.93 11.86 -0.23
N VAL B 483 -5.69 11.82 0.25
CA VAL B 483 -4.65 12.70 -0.30
C VAL B 483 -3.44 11.83 -0.55
N HIS B 484 -3.09 11.66 -1.81
CA HIS B 484 -1.96 10.81 -2.20
C HIS B 484 -0.96 11.58 -3.03
N ALA B 485 0.26 11.07 -3.08
CA ALA B 485 1.29 11.74 -3.84
C ALA B 485 2.04 10.75 -4.73
N ASN B 486 2.61 11.29 -5.79
CA ASN B 486 3.50 10.54 -6.66
C ASN B 486 4.79 11.34 -6.67
N LEU B 487 5.81 10.80 -6.01
CA LEU B 487 7.13 11.40 -6.05
C LEU B 487 7.76 10.89 -7.33
N HIS B 488 8.14 11.81 -8.21
CA HIS B 488 8.74 11.41 -9.48
C HIS B 488 10.22 11.75 -9.48
N VAL B 489 11.07 10.73 -9.33
CA VAL B 489 12.51 10.95 -9.28
C VAL B 489 13.09 10.90 -10.68
N ALA B 490 13.81 11.94 -11.09
CA ALA B 490 14.43 11.93 -12.43
C ALA B 490 15.96 11.88 -12.31
N PHE B 491 16.57 10.86 -12.90
CA PHE B 491 18.02 10.76 -12.89
C PHE B 491 18.58 11.10 -14.26
N HIS B 492 19.79 11.65 -14.26
CA HIS B 492 20.45 11.99 -15.51
C HIS B 492 21.84 11.39 -15.51
N ARG B 493 22.25 10.81 -16.64
CA ARG B 493 23.56 10.17 -16.74
C ARG B 493 24.41 10.90 -17.77
N SER B 494 25.51 11.54 -17.32
CA SER B 494 26.43 12.23 -18.23
C SER B 494 27.44 11.23 -18.79
N SER B 495 27.67 10.14 -18.06
CA SER B 495 28.63 9.11 -18.49
C SER B 495 27.94 7.82 -18.91
N SER B 496 28.52 7.14 -19.91
CA SER B 496 28.05 5.86 -20.41
C SER B 496 28.56 4.69 -19.59
N GLU B 497 29.45 4.95 -18.65
CA GLU B 497 30.04 3.88 -17.87
C GLU B 497 29.04 3.29 -16.91
N LYS B 498 29.11 1.97 -16.74
CA LYS B 498 28.19 1.24 -15.88
C LYS B 498 28.52 1.44 -14.39
N ILE B 499 27.47 1.66 -13.60
CA ILE B 499 27.59 1.65 -12.14
C ILE B 499 27.93 0.23 -11.69
N HIS B 500 29.03 0.08 -10.97
CA HIS B 500 29.52 -1.23 -10.56
C HIS B 500 29.02 -1.68 -9.19
N SER B 501 29.22 -2.96 -8.89
CA SER B 501 28.75 -3.57 -7.66
C SER B 501 29.02 -2.71 -6.43
N ASN B 502 30.24 -2.79 -5.90
CA ASN B 502 30.62 -1.97 -4.77
C ASN B 502 30.88 -0.53 -5.18
N GLU B 503 29.80 0.22 -5.43
CA GLU B 503 29.94 1.63 -5.78
C GLU B 503 28.79 2.48 -5.26
N ILE B 504 27.57 1.95 -5.32
CA ILE B 504 26.41 2.66 -4.78
C ILE B 504 26.52 2.69 -3.25
N SER B 505 26.31 3.86 -2.67
CA SER B 505 26.43 4.00 -1.22
C SER B 505 25.29 3.28 -0.50
N SER B 506 24.12 3.23 -1.12
CA SER B 506 22.96 2.51 -0.56
C SER B 506 22.21 1.79 -1.67
N ASP B 507 21.31 0.88 -1.31
CA ASP B 507 20.46 0.24 -2.30
C ASP B 507 19.01 0.68 -2.15
N SER B 508 18.80 1.83 -1.50
CA SER B 508 17.43 2.30 -1.34
C SER B 508 17.34 3.80 -1.55
N ILE B 509 16.15 4.25 -1.90
CA ILE B 509 15.85 5.66 -1.84
C ILE B 509 15.13 5.92 -0.53
N GLY B 510 15.56 6.93 0.21
CA GLY B 510 14.96 7.22 1.50
C GLY B 510 13.98 8.39 1.53
N VAL B 511 12.68 8.09 1.48
CA VAL B 511 11.64 9.11 1.66
C VAL B 511 11.47 9.45 3.13
N LEU B 512 11.56 10.74 3.46
CA LEU B 512 11.51 11.17 4.85
C LEU B 512 10.13 11.68 5.21
N GLY B 513 9.53 11.08 6.24
CA GLY B 513 8.25 11.53 6.78
C GLY B 513 8.41 12.53 7.93
N TYR B 514 7.45 12.59 8.83
CA TYR B 514 7.48 13.57 9.91
C TYR B 514 8.72 13.45 10.79
N GLN B 515 9.06 14.54 11.46
CA GLN B 515 10.16 14.58 12.42
C GLN B 515 9.67 14.11 13.78
N LYS B 516 10.46 13.25 14.43
CA LYS B 516 10.10 12.70 15.74
C LYS B 516 11.34 12.57 16.63
N THR B 521 17.07 13.40 20.66
CA THR B 521 17.63 13.53 19.31
C THR B 521 16.56 13.52 18.21
N LYS B 522 16.60 14.55 17.35
CA LYS B 522 15.58 14.77 16.33
C LYS B 522 15.85 14.01 15.04
N VAL B 523 14.93 13.12 14.67
CA VAL B 523 15.10 12.31 13.45
C VAL B 523 13.82 12.28 12.61
N ASN B 524 13.92 11.79 11.37
CA ASN B 524 12.75 11.69 10.50
C ASN B 524 12.29 10.26 10.29
N SER B 525 10.98 10.06 10.30
CA SER B 525 10.40 8.80 9.90
C SER B 525 10.99 8.40 8.54
N LYS B 526 11.57 7.20 8.47
CA LYS B 526 12.29 6.78 7.26
C LYS B 526 11.51 5.74 6.45
N LEU B 527 11.18 6.11 5.22
CA LEU B 527 10.40 5.26 4.34
C LEU B 527 11.26 4.81 3.16
N SER B 528 11.63 3.53 3.11
CA SER B 528 12.62 3.09 2.11
C SER B 528 12.04 2.36 0.90
N LEU B 529 12.43 2.82 -0.29
CA LEU B 529 12.17 2.10 -1.54
C LEU B 529 13.50 1.54 -2.03
N PHE B 530 13.57 0.22 -2.17
CA PHE B 530 14.80 -0.49 -2.56
C PHE B 530 14.82 -0.69 -4.06
N PHE B 531 15.94 -0.34 -4.68
CA PHE B 531 16.09 -0.47 -6.13
C PHE B 531 17.15 -1.50 -6.51
N GLU B 532 17.17 -1.84 -7.80
CA GLU B 532 18.20 -2.72 -8.35
C GLU B 532 18.86 -2.06 -9.55
N ILE B 533 20.18 -2.18 -9.63
CA ILE B 533 20.94 -1.65 -10.76
C ILE B 533 21.04 -2.72 -11.82
N LYS B 534 20.56 -2.42 -13.03
CA LYS B 534 20.56 -3.41 -14.10
C LYS B 534 21.10 -2.86 -15.43
N SER B 535 21.46 -3.83 -16.28
CA SER B 535 21.82 -3.59 -17.67
C SER B 535 23.23 -3.07 -17.77
N1 NCA C . 5.51 24.81 -15.19
C2 NCA C . 5.25 26.11 -15.04
C3 NCA C . 4.11 26.63 -15.47
C4 NCA C . 3.12 25.81 -16.11
C5 NCA C . 3.43 24.46 -16.27
C6 NCA C . 4.61 23.99 -15.80
C7 NCA C . 3.83 28.05 -15.26
O7 NCA C . 2.65 28.41 -15.26
N7 NCA C . 4.84 28.95 -14.74
N1 NCA D . -3.90 -27.68 -9.64
C2 NCA D . -3.72 -28.88 -9.10
C3 NCA D . -2.53 -29.48 -9.16
C4 NCA D . -1.43 -28.82 -9.81
C5 NCA D . -1.65 -27.56 -10.36
C6 NCA D . -2.88 -27.01 -10.27
C7 NCA D . -2.34 -30.79 -8.54
O7 NCA D . -1.21 -31.13 -8.22
N7 NCA D . -3.45 -31.66 -8.23
#